data_7ON1
#
_entry.id   7ON1
#
_cell.length_a   1.00
_cell.length_b   1.00
_cell.length_c   1.00
_cell.angle_alpha   90.00
_cell.angle_beta   90.00
_cell.angle_gamma   90.00
#
_symmetry.space_group_name_H-M   'P 1'
#
loop_
_entity.id
_entity.type
_entity.pdbx_description
1 polymer BJ4_G0006610.mRNA.1.CDS.1
2 polymer 'Histone H4'
3 polymer 'Histone H2B'
4 polymer BJ4_G0007000.mRNA.1.CDS.1
5 polymer 'Histone H2A'
6 polymer 'DNA (152-MER)'
7 polymer 'DNA (123-MER)'
#
loop_
_entity_poly.entity_id
_entity_poly.type
_entity_poly.pdbx_seq_one_letter_code
_entity_poly.pdbx_strand_id
1 'polypeptide(L)'
;MDYMKLGLKSRKTGIDVKQDIPKDEYSMENIDDFFKDDETSLISMRRKSRRKSSLFLPSTLNGDTKNVLPPFLQSYKSQD
DEVVQSPSGKGDGSRRSSLLSHQSNFLSPANDFEPIEEEPEQEENDIRGNDFATPITQKLSKPTYKRKYSTRYSLDTSES
PSVRLTPDRITNKNVYSDVPDLVADEDDDDRVNTSLNTSDNALLEDELEDDGFIPESEEDGDYIESDSSLDSGSDSASDS
DGDNTYQEVEEEAEVNTNDNEDDYIRRQASDVVRTDSIIDRNGLRKSTRVKVAPLQYWRNEKIVYKRKSNKPVLDIDKIV
TYDESEDEEEILAAQRRKKQKKKPTPTRPYNYVPTGRPRGRPKKDPNAKENLIPEDPNEDIIERIESGGIENGEWLKHGI
LEANVKISDTKEETKDEIIAFAPNLSQTEQVKDTKDENFALEIMFDKHKEYFASGILKLPAISGQKKLSNSFRTYITFHV
IQGIVEVTVCKNKFLSVKGSTFQIPAFNEYAIANRGNDEAKMFFVQVTVSEDANDDNDKELDSTFDTFG
;
C,D
2 'polypeptide(L)'
;GAMSGRGKGGKGLGKGGAKRHRKILRDNIQGITKPAIRRLARRGGVKRISGLIYEEVRAVLKSFLESVIRDSVTYTEHAK
RKTVTSLDVVYALKRQGRTLYGFGG
;
b,f
3 'polypeptide(L)'
;GAMSAKAEKKPASKAPAEKKPAAKKTSTSTDGKKRSKARKETYSSYIYKVLKQTHPDTGISQKSMSILNSFVNDIFERIA
TEASKLAAYNKKSTISAREIQTAVRLILPGELAKHAVSEGTRAVTKYSSSTQA
;
d,h
4 'polypeptide(L)'
;GAMSSKQQWVSSAIQSDSSGRSLSNVNRLAGDQQSINDRALSLLQRTRATKNLFPRREERRRYESSKSDLDIETDYEDQA
GNLEIETENEEEAEMETEVPAPVRTHSYALDRYVRQKRREKQRKQSLKRVEKKYTPSELALYEIRKYQRSTDLLISKIPF
ARLVKEVTDEFTTKDQDLRWQSMAIMALQEASEAYLVGLLEHTNLLALHAKRITIMKKDMQLARRIRGQFI
;
e,a
5 'polypeptide(L)'
;GAMSGGKGGKAGSAAKASQSRSAKAGLTFPVGRVHRLLRRGNYAQRIGSGAPVYLTAVLEYLAAEILELAGNAARDNKKT
RIIPRHLQLAIRNDDELNKLLGNVTIAQGGVLPNIHQNLLPKKSAKATKASQEL
;
g,c
6 'polydeoxyribonucleotide'
;(DA)(DT)(DC)(DG)(DA)(DG)(DA)(DA)(DT)(DC)(DC)(DC)(DG)(DG)(DT)(DG)(DC)(DC)(DG)(DA)
(DG)(DG)(DC)(DC)(DG)(DC)(DT)(DC)(DA)(DA)(DT)(DT)(DG)(DG)(DT)(DC)(DG)(DT)(DA)(DG)
(DA)(DC)(DA)(DG)(DC)(DT)(DC)(DT)(DA)(DG)(DC)(DA)(DC)(DC)(DG)(DC)(DT)(DT)(DA)(DA)
(DA)(DC)(DG)(DC)(DA)(DC)(DG)(DT)(DA)(DC)(DG)(DC)(DG)(DC)(DT)(DG)(DT)(DC)(DC)(DC)
(DC)(DC)(DG)(DC)(DG)(DT)(DT)(DT)(DT)(DA)(DA)(DC)(DC)(DG)(DC)(DC)(DA)(DA)(DG)(DG)
(DG)(DG)(DA)(DT)(DT)(DA)(DC)(DT)(DC)(DC)(DC)(DT)(DA)(DG)(DT)(DC)(DT)(DC)(DC)(DA)
(DG)(DG)(DC)(DA)(DC)(DG)(DT)(DG)(DT)(DC)(DA)(DG)(DA)(DT)(DA)(DT)(DA)(DT)(DA)(DC)
(DA)(DT)(DC)(DC)(DG)(DA)(DT)
;
I
7 'polydeoxyribonucleotide'
;(DT)(DA)(DT)(DC)(DT)(DG)(DA)(DC)(DA)(DC)(DG)(DT)(DG)(DC)(DC)(DT)(DG)(DG)(DA)(DG)
(DA)(DC)(DT)(DA)(DG)(DG)(DG)(DA)(DG)(DT)(DA)(DA)(DT)(DC)(DC)(DC)(DC)(DT)(DT)(DG)
(DG)(DC)(DG)(DG)(DT)(DT)(DA)(DA)(DA)(DA)(DC)(DG)(DC)(DG)(DG)(DG)(DG)(DG)(DA)(DC)
(DA)(DG)(DC)(DG)(DC)(DG)(DT)(DA)(DC)(DG)(DT)(DG)(DC)(DG)(DT)(DT)(DT)(DA)(DA)(DG)
(DC)(DG)(DG)(DT)(DG)(DC)(DT)(DA)(DG)(DA)(DG)(DC)(DT)(DG)(DT)(DC)(DT)(DA)(DC)(DG)
(DA)(DC)(DC)(DA)(DA)(DT)(DT)(DG)(DA)(DG)(DC)(DG)(DG)(DC)(DC)(DT)(DC)(DG)(DG)(DC)
(DA)(DC)(DC)
;
J
#
# COMPACT_ATOMS: atom_id res chain seq x y z
N LEU A 284 -7.85 -36.44 11.04
CA LEU A 284 -8.79 -36.29 12.14
C LEU A 284 -9.21 -34.83 12.31
N ARG A 285 -8.57 -33.95 11.54
CA ARG A 285 -8.84 -32.51 11.59
C ARG A 285 -9.56 -32.11 10.31
N LYS A 286 -10.73 -31.52 10.46
CA LYS A 286 -11.54 -31.08 9.33
C LYS A 286 -11.89 -29.60 9.49
N SER A 287 -12.08 -28.92 8.37
CA SER A 287 -12.42 -27.51 8.39
C SER A 287 -13.83 -27.30 8.94
N THR A 288 -14.05 -26.13 9.52
CA THR A 288 -15.34 -25.77 10.09
C THR A 288 -15.95 -24.52 9.47
N ARG A 289 -15.15 -23.52 9.16
CA ARG A 289 -15.68 -22.30 8.55
C ARG A 289 -16.23 -22.59 7.16
N VAL A 290 -17.24 -21.82 6.77
CA VAL A 290 -17.86 -22.00 5.46
C VAL A 290 -16.91 -21.52 4.37
N LYS A 291 -17.05 -22.07 3.18
CA LYS A 291 -16.23 -21.72 2.03
C LYS A 291 -17.12 -21.34 0.86
N VAL A 292 -16.85 -20.17 0.28
CA VAL A 292 -17.63 -19.65 -0.84
C VAL A 292 -16.68 -19.27 -1.96
N ALA A 293 -17.21 -19.28 -3.19
CA ALA A 293 -16.44 -18.89 -4.34
C ALA A 293 -16.13 -17.38 -4.30
N PRO A 294 -15.06 -16.95 -4.96
CA PRO A 294 -14.75 -15.52 -5.01
C PRO A 294 -15.89 -14.73 -5.65
N LEU A 295 -16.40 -13.74 -4.93
CA LEU A 295 -17.53 -12.94 -5.36
C LEU A 295 -17.03 -11.75 -6.18
N GLN A 296 -17.81 -11.36 -7.17
CA GLN A 296 -17.50 -10.20 -8.01
C GLN A 296 -17.99 -8.95 -7.30
N TYR A 297 -17.06 -8.28 -6.61
CA TYR A 297 -17.43 -7.09 -5.85
C TYR A 297 -17.78 -5.92 -6.75
N TRP A 298 -17.28 -5.91 -7.99
CA TRP A 298 -17.60 -4.84 -8.92
C TRP A 298 -19.06 -4.88 -9.38
N ARG A 299 -19.71 -6.04 -9.29
CA ARG A 299 -21.11 -6.18 -9.67
C ARG A 299 -22.05 -6.11 -8.47
N ASN A 300 -21.54 -5.69 -7.30
CA ASN A 300 -22.35 -5.56 -6.09
C ASN A 300 -23.00 -6.89 -5.70
N GLU A 301 -22.21 -7.97 -5.75
CA GLU A 301 -22.72 -9.27 -5.37
C GLU A 301 -22.78 -9.40 -3.84
N LYS A 302 -23.78 -10.15 -3.37
CA LYS A 302 -24.00 -10.35 -1.95
C LYS A 302 -23.67 -11.79 -1.57
N ILE A 303 -23.39 -11.99 -0.27
CA ILE A 303 -23.05 -13.32 0.21
C ILE A 303 -24.30 -14.20 0.26
N VAL A 304 -25.46 -13.58 0.41
CA VAL A 304 -26.75 -14.29 0.48
C VAL A 304 -26.73 -15.34 1.59
N ASP B 27 21.50 -2.59 -27.74
CA ASP B 27 20.29 -3.13 -28.35
C ASP B 27 19.80 -4.36 -27.62
N ASN B 28 20.13 -4.45 -26.32
CA ASN B 28 19.72 -5.59 -25.51
C ASN B 28 18.21 -5.67 -25.33
N ILE B 29 17.51 -4.54 -25.45
CA ILE B 29 16.05 -4.54 -25.31
C ILE B 29 15.41 -5.33 -26.43
N GLN B 30 16.13 -5.58 -27.53
CA GLN B 30 15.62 -6.42 -28.61
C GLN B 30 15.68 -7.91 -28.26
N GLY B 31 16.22 -8.26 -27.09
CA GLY B 31 16.26 -9.66 -26.69
C GLY B 31 14.88 -10.26 -26.50
N ILE B 32 13.90 -9.44 -26.11
CA ILE B 32 12.53 -9.90 -25.97
C ILE B 32 11.91 -10.02 -27.34
N THR B 33 11.84 -11.23 -27.87
CA THR B 33 11.37 -11.45 -29.23
C THR B 33 9.85 -11.36 -29.29
N LYS B 34 9.34 -11.27 -30.51
CA LYS B 34 7.89 -11.22 -30.72
C LYS B 34 7.17 -12.50 -30.30
N PRO B 35 7.69 -13.71 -30.57
CA PRO B 35 6.98 -14.90 -30.08
C PRO B 35 6.83 -14.95 -28.57
N ALA B 36 7.79 -14.39 -27.82
CA ALA B 36 7.66 -14.37 -26.36
C ALA B 36 6.49 -13.50 -25.93
N ILE B 37 6.36 -12.30 -26.51
CA ILE B 37 5.24 -11.43 -26.19
C ILE B 37 3.94 -12.05 -26.64
N ARG B 38 3.95 -12.76 -27.77
CA ARG B 38 2.74 -13.43 -28.24
C ARG B 38 2.30 -14.52 -27.28
N ARG B 39 3.26 -15.31 -26.78
CA ARG B 39 2.94 -16.36 -25.82
C ARG B 39 2.45 -15.76 -24.50
N LEU B 40 3.04 -14.63 -24.09
CA LEU B 40 2.57 -13.97 -22.88
C LEU B 40 1.14 -13.47 -23.03
N ALA B 41 0.81 -12.89 -24.20
CA ALA B 41 -0.54 -12.42 -24.43
C ALA B 41 -1.51 -13.58 -24.53
N ARG B 42 -1.07 -14.71 -25.08
CA ARG B 42 -1.93 -15.90 -25.14
C ARG B 42 -2.20 -16.44 -23.74
N ARG B 43 -1.19 -16.45 -22.87
CA ARG B 43 -1.40 -16.85 -21.48
C ARG B 43 -2.34 -15.88 -20.78
N GLY B 44 -2.22 -14.59 -21.08
CA GLY B 44 -3.12 -13.61 -20.50
C GLY B 44 -4.54 -13.68 -21.02
N GLY B 45 -4.74 -14.24 -22.22
CA GLY B 45 -6.06 -14.37 -22.80
C GLY B 45 -6.31 -13.52 -24.03
N VAL B 46 -5.28 -12.94 -24.63
CA VAL B 46 -5.46 -12.10 -25.81
C VAL B 46 -5.58 -12.99 -27.05
N LYS B 47 -6.57 -12.70 -27.88
CA LYS B 47 -6.79 -13.46 -29.11
C LYS B 47 -6.04 -12.86 -30.30
N ARG B 48 -6.16 -11.56 -30.51
CA ARG B 48 -5.50 -10.87 -31.61
C ARG B 48 -4.66 -9.73 -31.05
N ILE B 49 -3.44 -9.60 -31.59
CA ILE B 49 -2.50 -8.58 -31.14
C ILE B 49 -2.16 -7.69 -32.33
N SER B 50 -2.06 -6.39 -32.08
CA SER B 50 -1.70 -5.44 -33.12
C SER B 50 -0.18 -5.37 -33.27
N GLY B 51 0.27 -4.39 -34.05
CA GLY B 51 1.68 -4.21 -34.32
C GLY B 51 2.38 -3.18 -33.46
N LEU B 52 1.66 -2.51 -32.56
CA LEU B 52 2.24 -1.50 -31.70
C LEU B 52 2.26 -1.90 -30.23
N ILE B 53 1.92 -3.16 -29.92
CA ILE B 53 1.88 -3.60 -28.53
C ILE B 53 3.29 -3.92 -28.03
N TYR B 54 4.15 -4.43 -28.92
CA TYR B 54 5.47 -4.87 -28.50
C TYR B 54 6.31 -3.70 -27.98
N GLU B 55 6.20 -2.53 -28.61
CA GLU B 55 6.99 -1.38 -28.17
C GLU B 55 6.58 -0.94 -26.77
N GLU B 56 5.26 -0.82 -26.53
CA GLU B 56 4.80 -0.43 -25.20
C GLU B 56 5.14 -1.47 -24.15
N VAL B 57 5.07 -2.75 -24.52
CA VAL B 57 5.43 -3.82 -23.58
C VAL B 57 6.90 -3.72 -23.21
N ARG B 58 7.77 -3.51 -24.21
CA ARG B 58 9.20 -3.36 -23.93
C ARG B 58 9.46 -2.14 -23.07
N ALA B 59 8.74 -1.04 -23.34
CA ALA B 59 8.94 0.18 -22.56
C ALA B 59 8.55 -0.01 -21.10
N VAL B 60 7.39 -0.61 -20.84
CA VAL B 60 6.95 -0.80 -19.46
C VAL B 60 7.83 -1.82 -18.75
N LEU B 61 8.30 -2.84 -19.48
CA LEU B 61 9.22 -3.80 -18.89
C LEU B 61 10.54 -3.11 -18.50
N LYS B 62 11.05 -2.25 -19.38
CA LYS B 62 12.28 -1.54 -19.08
C LYS B 62 12.10 -0.61 -17.88
N SER B 63 10.94 0.05 -17.78
CA SER B 63 10.71 0.95 -16.65
C SER B 63 10.64 0.17 -15.34
N PHE B 64 9.87 -0.93 -15.32
CA PHE B 64 9.78 -1.75 -14.11
C PHE B 64 11.15 -2.30 -13.72
N LEU B 65 11.91 -2.79 -14.70
CA LEU B 65 13.24 -3.29 -14.42
C LEU B 65 14.15 -2.20 -13.86
N GLU B 66 14.08 -1.00 -14.44
CA GLU B 66 14.90 0.11 -13.96
C GLU B 66 14.58 0.42 -12.51
N SER B 67 13.30 0.52 -12.16
CA SER B 67 12.92 0.83 -10.78
C SER B 67 13.41 -0.26 -9.82
N VAL B 68 13.11 -1.53 -10.14
CA VAL B 68 13.46 -2.62 -9.23
C VAL B 68 14.98 -2.72 -9.08
N ILE B 69 15.71 -2.56 -10.18
CA ILE B 69 17.16 -2.70 -10.12
C ILE B 69 17.78 -1.53 -9.38
N ARG B 70 17.21 -0.33 -9.53
CA ARG B 70 17.69 0.81 -8.75
C ARG B 70 17.53 0.55 -7.26
N ASP B 71 16.35 0.05 -6.86
CA ASP B 71 16.14 -0.27 -5.45
C ASP B 71 17.11 -1.34 -4.97
N SER B 72 17.34 -2.38 -5.79
CA SER B 72 18.23 -3.46 -5.38
C SER B 72 19.67 -2.99 -5.28
N VAL B 73 20.11 -2.12 -6.19
CA VAL B 73 21.47 -1.59 -6.12
C VAL B 73 21.63 -0.70 -4.90
N THR B 74 20.61 0.10 -4.57
CA THR B 74 20.68 0.88 -3.34
C THR B 74 20.83 -0.03 -2.12
N TYR B 75 20.02 -1.10 -2.08
CA TYR B 75 20.10 -2.05 -0.97
C TYR B 75 21.49 -2.67 -0.86
N THR B 76 22.02 -3.18 -1.97
CA THR B 76 23.32 -3.85 -1.92
C THR B 76 24.48 -2.88 -1.78
N GLU B 77 24.26 -1.58 -2.04
CA GLU B 77 25.32 -0.60 -1.86
C GLU B 77 25.36 -0.07 -0.44
N HIS B 78 24.22 -0.06 0.26
CA HIS B 78 24.26 0.32 1.67
C HIS B 78 25.12 -0.64 2.49
N ALA B 79 25.04 -1.94 2.18
CA ALA B 79 25.77 -2.96 2.92
C ALA B 79 27.22 -3.11 2.48
N LYS B 80 27.76 -2.11 1.78
CA LYS B 80 29.13 -2.09 1.26
C LYS B 80 29.57 -3.46 0.74
N ARG B 81 28.71 -4.03 -0.12
CA ARG B 81 28.95 -5.31 -0.77
C ARG B 81 29.12 -5.11 -2.26
N LYS B 82 29.38 -6.22 -2.97
CA LYS B 82 29.57 -6.18 -4.41
C LYS B 82 28.79 -7.27 -5.15
N THR B 83 27.97 -8.05 -4.46
CA THR B 83 27.18 -9.10 -5.08
C THR B 83 25.72 -8.94 -4.68
N VAL B 84 24.86 -8.74 -5.68
CA VAL B 84 23.44 -8.58 -5.43
C VAL B 84 22.82 -9.95 -5.18
N THR B 85 22.22 -10.13 -4.02
CA THR B 85 21.61 -11.39 -3.63
C THR B 85 20.10 -11.35 -3.87
N SER B 86 19.46 -12.49 -3.63
CA SER B 86 18.00 -12.58 -3.82
C SER B 86 17.27 -11.84 -2.71
N LEU B 87 17.89 -11.70 -1.54
CA LEU B 87 17.24 -11.00 -0.44
C LEU B 87 17.00 -9.54 -0.77
N ASP B 88 17.96 -8.90 -1.45
CA ASP B 88 17.80 -7.50 -1.83
C ASP B 88 16.64 -7.33 -2.80
N VAL B 89 16.53 -8.23 -3.79
CA VAL B 89 15.44 -8.14 -4.76
C VAL B 89 14.10 -8.41 -4.06
N VAL B 90 14.08 -9.35 -3.12
CA VAL B 90 12.85 -9.63 -2.39
C VAL B 90 12.42 -8.42 -1.58
N TYR B 91 13.38 -7.76 -0.91
CA TYR B 91 13.04 -6.57 -0.13
C TYR B 91 12.59 -5.43 -1.03
N ALA B 92 13.21 -5.28 -2.20
CA ALA B 92 12.81 -4.23 -3.12
C ALA B 92 11.40 -4.47 -3.66
N LEU B 93 11.05 -5.73 -3.91
CA LEU B 93 9.71 -6.06 -4.38
C LEU B 93 8.68 -5.86 -3.27
N LYS B 94 9.07 -6.18 -2.03
CA LYS B 94 8.13 -6.05 -0.90
C LYS B 94 7.89 -4.57 -0.58
N ARG B 95 8.93 -3.75 -0.64
CA ARG B 95 8.76 -2.34 -0.31
C ARG B 95 7.89 -1.61 -1.31
N GLN B 96 7.83 -2.10 -2.55
CA GLN B 96 7.02 -1.47 -3.59
C GLN B 96 5.59 -1.99 -3.61
N GLY B 97 5.23 -2.91 -2.71
CA GLY B 97 3.88 -3.43 -2.65
C GLY B 97 3.63 -4.70 -3.42
N ARG B 98 4.67 -5.41 -3.83
CA ARG B 98 4.54 -6.66 -4.58
C ARG B 98 5.35 -7.73 -3.86
N THR B 99 4.72 -8.39 -2.88
CA THR B 99 5.42 -9.41 -2.10
C THR B 99 5.61 -10.68 -2.92
N LEU B 100 6.82 -11.21 -2.90
CA LEU B 100 7.19 -12.40 -3.64
C LEU B 100 7.48 -13.53 -2.66
N TYR B 101 6.89 -14.70 -2.90
CA TYR B 101 7.07 -15.86 -2.05
C TYR B 101 7.87 -16.93 -2.78
N GLY B 102 8.64 -17.70 -2.03
CA GLY B 102 9.40 -18.81 -2.58
C GLY B 102 10.90 -18.57 -2.74
N PHE B 103 11.41 -17.42 -2.31
CA PHE B 103 12.83 -17.12 -2.45
C PHE B 103 13.48 -16.64 -1.16
N GLY B 104 12.73 -16.36 -0.10
CA GLY B 104 13.31 -15.92 1.14
C GLY B 104 12.27 -15.22 1.99
N GLY B 105 12.75 -14.54 3.02
CA GLY B 105 11.90 -13.82 3.94
C GLY B 105 11.37 -14.68 5.07
N SER C 36 -5.70 20.56 35.57
CA SER C 36 -4.47 20.91 34.88
C SER C 36 -4.53 20.52 33.41
N LYS C 37 -4.30 21.51 32.54
CA LYS C 37 -4.33 21.29 31.10
C LYS C 37 -2.92 20.99 30.61
N ALA C 38 -2.75 19.82 29.99
CA ALA C 38 -1.44 19.44 29.48
C ALA C 38 -1.10 20.21 28.21
N ARG C 39 0.19 20.30 27.93
CA ARG C 39 0.68 21.01 26.76
C ARG C 39 0.80 20.05 25.58
N LYS C 40 0.49 20.54 24.38
CA LYS C 40 0.56 19.74 23.17
C LYS C 40 1.84 20.08 22.41
N GLU C 41 2.54 19.04 21.97
CA GLU C 41 3.79 19.20 21.24
C GLU C 41 3.50 19.34 19.75
N THR C 42 3.61 20.57 19.25
CA THR C 42 3.37 20.85 17.84
C THR C 42 4.60 21.54 17.26
N TYR C 43 4.59 21.74 15.95
CA TYR C 43 5.68 22.40 15.24
C TYR C 43 5.26 23.74 14.65
N SER C 44 4.34 24.45 15.31
CA SER C 44 3.83 25.70 14.74
C SER C 44 4.87 26.80 14.79
N SER C 45 5.66 26.85 15.87
CA SER C 45 6.64 27.93 16.02
C SER C 45 7.72 27.87 14.95
N TYR C 46 8.26 26.67 14.69
CA TYR C 46 9.33 26.55 13.70
C TYR C 46 8.80 26.77 12.29
N ILE C 47 7.56 26.34 12.01
CA ILE C 47 6.96 26.60 10.71
C ILE C 47 6.76 28.08 10.51
N TYR C 48 6.28 28.78 11.53
CA TYR C 48 6.12 30.23 11.43
C TYR C 48 7.47 30.92 11.26
N LYS C 49 8.51 30.41 11.92
CA LYS C 49 9.84 30.99 11.79
C LYS C 49 10.36 30.84 10.37
N VAL C 50 10.26 29.65 9.80
CA VAL C 50 10.76 29.45 8.44
C VAL C 50 9.86 30.18 7.43
N LEU C 51 8.59 30.41 7.76
CA LEU C 51 7.75 31.21 6.89
C LEU C 51 8.18 32.67 6.89
N LYS C 52 8.43 33.22 8.07
CA LYS C 52 8.92 34.60 8.16
C LYS C 52 10.30 34.73 7.52
N GLN C 53 11.08 33.65 7.53
CA GLN C 53 12.38 33.66 6.87
C GLN C 53 12.21 33.65 5.35
N THR C 54 11.26 32.88 4.85
CA THR C 54 11.04 32.81 3.41
C THR C 54 10.21 33.98 2.91
N HIS C 55 8.98 34.12 3.42
CA HIS C 55 8.09 35.20 3.01
C HIS C 55 7.81 36.12 4.20
N PRO C 56 8.38 37.32 4.24
CA PRO C 56 8.17 38.19 5.40
C PRO C 56 6.76 38.76 5.49
N ASP C 57 5.99 38.75 4.40
CA ASP C 57 4.66 39.34 4.39
C ASP C 57 3.54 38.32 4.35
N THR C 58 3.78 37.13 3.77
CA THR C 58 2.73 36.14 3.66
C THR C 58 2.48 35.46 5.00
N GLY C 59 1.20 35.40 5.39
CA GLY C 59 0.79 34.75 6.62
C GLY C 59 0.41 33.30 6.40
N ILE C 60 -0.30 32.75 7.38
CA ILE C 60 -0.75 31.37 7.32
C ILE C 60 -1.96 31.21 8.23
N SER C 61 -2.85 30.29 7.87
CA SER C 61 -4.05 30.02 8.64
C SER C 61 -3.79 28.88 9.61
N GLN C 62 -4.85 28.38 10.24
CA GLN C 62 -4.73 27.27 11.19
C GLN C 62 -4.85 25.91 10.51
N LYS C 63 -5.75 25.78 9.54
CA LYS C 63 -5.89 24.53 8.81
C LYS C 63 -4.61 24.20 8.04
N SER C 64 -4.00 25.21 7.43
CA SER C 64 -2.73 25.00 6.72
C SER C 64 -1.64 24.57 7.69
N MET C 65 -1.62 25.17 8.89
CA MET C 65 -0.63 24.78 9.90
C MET C 65 -0.83 23.33 10.31
N SER C 66 -2.09 22.92 10.52
CA SER C 66 -2.36 21.52 10.88
C SER C 66 -1.96 20.57 9.76
N ILE C 67 -2.20 20.98 8.51
CA ILE C 67 -1.84 20.15 7.37
C ILE C 67 -0.33 19.98 7.29
N LEU C 68 0.41 21.08 7.45
CA LEU C 68 1.87 20.98 7.43
C LEU C 68 2.40 20.14 8.58
N ASN C 69 1.79 20.26 9.77
CA ASN C 69 2.22 19.47 10.90
C ASN C 69 1.99 17.98 10.65
N SER C 70 0.81 17.63 10.13
CA SER C 70 0.53 16.23 9.82
C SER C 70 1.48 15.71 8.75
N PHE C 71 1.79 16.55 7.75
CA PHE C 71 2.69 16.12 6.69
C PHE C 71 4.09 15.85 7.22
N VAL C 72 4.62 16.76 8.04
CA VAL C 72 5.98 16.57 8.56
C VAL C 72 6.01 15.40 9.54
N ASN C 73 4.93 15.17 10.29
CA ASN C 73 4.88 14.03 11.19
C ASN C 73 4.86 12.72 10.41
N ASP C 74 4.08 12.67 9.32
CA ASP C 74 4.05 11.46 8.49
C ASP C 74 5.40 11.20 7.84
N ILE C 75 6.07 12.25 7.37
CA ILE C 75 7.38 12.08 6.75
C ILE C 75 8.39 11.57 7.79
N PHE C 76 8.37 12.15 8.99
CA PHE C 76 9.28 11.69 10.03
C PHE C 76 9.02 10.24 10.40
N GLU C 77 7.74 9.86 10.52
CA GLU C 77 7.41 8.48 10.87
C GLU C 77 7.86 7.52 9.77
N ARG C 78 7.64 7.88 8.51
CA ARG C 78 8.06 7.03 7.40
C ARG C 78 9.57 6.85 7.40
N ILE C 79 10.32 7.95 7.56
CA ILE C 79 11.78 7.86 7.54
C ILE C 79 12.28 7.02 8.72
N ALA C 80 11.70 7.22 9.90
CA ALA C 80 12.14 6.47 11.08
C ALA C 80 11.85 4.98 10.91
N THR C 81 10.67 4.63 10.40
CA THR C 81 10.34 3.23 10.21
C THR C 81 11.24 2.59 9.18
N GLU C 82 11.49 3.29 8.07
CA GLU C 82 12.39 2.76 7.04
C GLU C 82 13.79 2.54 7.60
N ALA C 83 14.31 3.52 8.35
CA ALA C 83 15.64 3.38 8.92
C ALA C 83 15.71 2.22 9.92
N SER C 84 14.68 2.08 10.75
CA SER C 84 14.66 0.99 11.72
C SER C 84 14.63 -0.37 11.02
N LYS C 85 13.80 -0.51 9.99
CA LYS C 85 13.72 -1.77 9.27
C LYS C 85 15.04 -2.07 8.56
N LEU C 86 15.65 -1.05 7.96
CA LEU C 86 16.89 -1.26 7.22
C LEU C 86 18.05 -1.57 8.16
N ALA C 87 18.00 -1.06 9.39
CA ALA C 87 19.02 -1.39 10.37
C ALA C 87 18.82 -2.79 10.94
N ALA C 88 17.55 -3.20 11.11
CA ALA C 88 17.28 -4.55 11.58
C ALA C 88 17.57 -5.60 10.52
N TYR C 89 17.52 -5.21 9.24
CA TYR C 89 17.84 -6.15 8.17
C TYR C 89 19.29 -6.62 8.25
N ASN C 90 20.19 -5.73 8.68
CA ASN C 90 21.62 -6.05 8.76
C ASN C 90 22.04 -6.51 10.15
N LYS C 91 21.13 -7.11 10.91
CA LYS C 91 21.34 -7.62 12.27
C LYS C 91 22.23 -6.67 13.09
N LYS C 92 21.83 -5.41 13.11
CA LYS C 92 22.52 -4.38 13.87
C LYS C 92 21.55 -3.72 14.84
N SER C 93 22.10 -3.21 15.95
CA SER C 93 21.31 -2.58 17.00
C SER C 93 21.65 -1.10 17.16
N THR C 94 22.25 -0.49 16.14
CA THR C 94 22.64 0.92 16.20
C THR C 94 22.23 1.61 14.90
N ILE C 95 21.50 2.71 15.04
CA ILE C 95 21.07 3.53 13.90
C ILE C 95 22.01 4.72 13.81
N SER C 96 22.62 4.91 12.64
CA SER C 96 23.58 5.99 12.46
C SER C 96 23.18 6.87 11.28
N ALA C 97 24.08 7.79 10.88
CA ALA C 97 23.77 8.69 9.78
C ALA C 97 23.65 7.96 8.46
N ARG C 98 24.36 6.83 8.30
CA ARG C 98 24.28 6.08 7.05
C ARG C 98 22.90 5.49 6.84
N GLU C 99 22.29 4.98 7.90
CA GLU C 99 20.94 4.41 7.78
C GLU C 99 19.93 5.48 7.41
N ILE C 100 20.01 6.66 8.04
CA ILE C 100 19.08 7.74 7.72
C ILE C 100 19.30 8.23 6.29
N GLN C 101 20.57 8.28 5.85
CA GLN C 101 20.86 8.68 4.48
C GLN C 101 20.28 7.70 3.48
N THR C 102 20.46 6.40 3.71
CA THR C 102 19.89 5.39 2.82
C THR C 102 18.37 5.46 2.83
N ALA C 103 17.77 5.71 4.00
CA ALA C 103 16.32 5.81 4.08
C ALA C 103 15.79 6.99 3.29
N VAL C 104 16.42 8.16 3.42
CA VAL C 104 15.93 9.33 2.71
C VAL C 104 16.24 9.21 1.23
N ARG C 105 17.25 8.43 0.85
CA ARG C 105 17.52 8.19 -0.56
C ARG C 105 16.52 7.21 -1.16
N LEU C 106 16.02 6.27 -0.36
CA LEU C 106 15.05 5.29 -0.86
C LEU C 106 13.65 5.88 -0.92
N ILE C 107 13.27 6.67 0.09
CA ILE C 107 11.91 7.19 0.17
C ILE C 107 11.71 8.32 -0.83
N LEU C 108 12.49 9.38 -0.71
CA LEU C 108 12.34 10.54 -1.58
C LEU C 108 12.85 10.21 -2.99
N PRO C 109 12.26 10.83 -4.01
CA PRO C 109 12.78 10.65 -5.37
C PRO C 109 14.19 11.19 -5.51
N GLY C 110 14.86 10.78 -6.59
CA GLY C 110 16.27 11.10 -6.75
C GLY C 110 16.53 12.60 -6.80
N GLU C 111 15.70 13.33 -7.53
CA GLU C 111 15.90 14.78 -7.64
C GLU C 111 15.79 15.46 -6.28
N LEU C 112 14.86 15.02 -5.44
CA LEU C 112 14.75 15.59 -4.10
C LEU C 112 15.79 15.00 -3.16
N ALA C 113 16.08 13.70 -3.32
CA ALA C 113 17.03 13.04 -2.42
C ALA C 113 18.43 13.61 -2.56
N LYS C 114 18.79 14.07 -3.76
CA LYS C 114 20.10 14.68 -3.95
C LYS C 114 20.28 15.88 -3.04
N HIS C 115 19.38 16.86 -3.14
CA HIS C 115 19.46 18.04 -2.29
C HIS C 115 19.26 17.69 -0.82
N ALA C 116 18.44 16.67 -0.54
CA ALA C 116 18.23 16.25 0.84
C ALA C 116 19.52 15.76 1.48
N VAL C 117 20.22 14.84 0.81
CA VAL C 117 21.46 14.31 1.36
C VAL C 117 22.55 15.39 1.34
N SER C 118 22.50 16.31 0.39
CA SER C 118 23.46 17.42 0.39
C SER C 118 23.30 18.28 1.63
N GLU C 119 22.06 18.70 1.92
CA GLU C 119 21.80 19.51 3.11
C GLU C 119 22.10 18.72 4.39
N GLY C 120 21.80 17.42 4.40
CA GLY C 120 22.11 16.62 5.58
C GLY C 120 23.60 16.52 5.85
N THR C 121 24.38 16.28 4.79
CA THR C 121 25.84 16.24 4.96
C THR C 121 26.38 17.59 5.40
N ARG C 122 25.86 18.68 4.83
CA ARG C 122 26.30 20.00 5.24
C ARG C 122 26.00 20.25 6.71
N ALA C 123 24.79 19.89 7.15
CA ALA C 123 24.42 20.10 8.55
C ALA C 123 25.27 19.25 9.48
N VAL C 124 25.50 17.98 9.13
CA VAL C 124 26.23 17.10 10.03
C VAL C 124 27.70 17.51 10.10
N THR C 125 28.27 18.00 8.99
CA THR C 125 29.65 18.44 9.03
C THR C 125 29.80 19.78 9.75
N LYS C 126 28.77 20.64 9.67
CA LYS C 126 28.78 21.87 10.45
C LYS C 126 28.67 21.58 11.94
N TYR C 127 27.89 20.55 12.30
CA TYR C 127 27.77 20.18 13.71
C TYR C 127 29.06 19.54 14.21
N SER C 128 29.67 18.66 13.41
CA SER C 128 30.90 18.01 13.84
C SER C 128 32.12 18.92 13.76
N SER C 129 32.01 20.06 13.04
CA SER C 129 33.14 20.98 12.96
C SER C 129 33.44 21.59 14.33
N SER C 130 32.40 21.99 15.06
CA SER C 130 32.58 22.59 16.38
C SER C 130 32.97 21.54 17.41
N THR D 135 -27.76 27.14 -25.48
CA THR D 135 -27.10 25.86 -25.72
C THR D 135 -26.85 25.11 -24.42
N PRO D 136 -27.22 23.83 -24.38
CA PRO D 136 -26.97 23.04 -23.16
C PRO D 136 -25.51 22.77 -22.89
N SER D 137 -24.68 22.64 -23.94
CA SER D 137 -23.27 22.38 -23.73
C SER D 137 -22.57 23.57 -23.07
N GLU D 138 -22.98 24.80 -23.44
CA GLU D 138 -22.39 25.98 -22.82
C GLU D 138 -22.68 26.01 -21.32
N LEU D 139 -23.94 25.78 -20.94
CA LEU D 139 -24.29 25.75 -19.52
C LEU D 139 -23.60 24.61 -18.80
N ALA D 140 -23.44 23.47 -19.48
CA ALA D 140 -22.75 22.33 -18.87
C ALA D 140 -21.30 22.68 -18.56
N LEU D 141 -20.58 23.24 -19.54
CA LEU D 141 -19.19 23.63 -19.30
C LEU D 141 -19.10 24.74 -18.24
N TYR D 142 -20.06 25.67 -18.24
CA TYR D 142 -20.04 26.75 -17.25
C TYR D 142 -20.19 26.19 -15.84
N GLU D 143 -21.16 25.29 -15.63
CA GLU D 143 -21.35 24.72 -14.30
C GLU D 143 -20.20 23.78 -13.93
N ILE D 144 -19.60 23.11 -14.90
CA ILE D 144 -18.43 22.27 -14.62
C ILE D 144 -17.28 23.13 -14.11
N ARG D 145 -17.01 24.25 -14.79
CA ARG D 145 -15.95 25.15 -14.33
C ARG D 145 -16.28 25.75 -12.98
N LYS D 146 -17.55 26.09 -12.75
CA LYS D 146 -17.93 26.68 -11.47
C LYS D 146 -17.74 25.68 -10.32
N TYR D 147 -18.11 24.42 -10.55
CA TYR D 147 -17.96 23.42 -9.50
C TYR D 147 -16.51 22.98 -9.31
N GLN D 148 -15.70 23.09 -10.37
CA GLN D 148 -14.28 22.78 -10.22
C GLN D 148 -13.53 23.91 -9.54
N ARG D 149 -14.02 25.14 -9.67
CA ARG D 149 -13.36 26.26 -8.98
C ARG D 149 -13.64 26.24 -7.49
N SER D 150 -14.82 25.77 -7.08
CA SER D 150 -15.16 25.72 -5.67
C SER D 150 -14.46 24.54 -4.98
N THR D 151 -14.50 24.56 -3.65
CA THR D 151 -13.86 23.51 -2.87
C THR D 151 -14.70 23.05 -1.67
N ASP D 152 -15.96 23.46 -1.57
CA ASP D 152 -16.80 23.09 -0.44
C ASP D 152 -17.51 21.76 -0.72
N LEU D 153 -18.23 21.29 0.30
CA LEU D 153 -18.96 20.04 0.18
C LEU D 153 -20.22 20.22 -0.67
N LEU D 154 -20.73 19.11 -1.19
CA LEU D 154 -21.90 19.12 -2.06
C LEU D 154 -23.00 18.18 -1.57
N ILE D 155 -22.93 17.76 -0.30
CA ILE D 155 -23.92 16.86 0.29
C ILE D 155 -24.33 17.42 1.64
N SER D 156 -25.64 17.38 1.92
CA SER D 156 -26.15 17.90 3.18
C SER D 156 -25.56 17.13 4.37
N LYS D 157 -25.65 17.74 5.55
CA LYS D 157 -24.98 17.18 6.72
C LYS D 157 -25.91 16.25 7.51
N ILE D 158 -27.19 16.63 7.62
CA ILE D 158 -28.13 15.83 8.41
C ILE D 158 -28.39 14.46 7.80
N PRO D 159 -28.66 14.34 6.48
CA PRO D 159 -28.83 12.99 5.91
C PRO D 159 -27.58 12.13 6.03
N PHE D 160 -26.39 12.70 5.82
CA PHE D 160 -25.16 11.93 5.96
C PHE D 160 -24.96 11.49 7.41
N ALA D 161 -25.29 12.36 8.37
CA ALA D 161 -25.18 11.98 9.77
C ALA D 161 -26.15 10.86 10.12
N ARG D 162 -27.38 10.94 9.62
CA ARG D 162 -28.35 9.86 9.87
C ARG D 162 -27.88 8.55 9.26
N LEU D 163 -27.31 8.62 8.04
CA LEU D 163 -26.83 7.42 7.38
C LEU D 163 -25.67 6.79 8.15
N VAL D 164 -24.71 7.61 8.60
CA VAL D 164 -23.57 7.07 9.33
C VAL D 164 -24.01 6.55 10.69
N LYS D 165 -25.04 7.16 11.29
CA LYS D 165 -25.57 6.65 12.55
C LYS D 165 -26.22 5.29 12.35
N GLU D 166 -27.01 5.14 11.29
CA GLU D 166 -27.61 3.83 10.99
C GLU D 166 -26.53 2.79 10.72
N VAL D 167 -25.47 3.18 10.02
CA VAL D 167 -24.41 2.23 9.69
C VAL D 167 -23.68 1.79 10.95
N THR D 168 -23.33 2.74 11.82
CA THR D 168 -22.63 2.38 13.06
C THR D 168 -23.54 1.66 14.03
N ASP D 169 -24.86 1.81 13.89
CA ASP D 169 -25.77 1.03 14.71
C ASP D 169 -25.93 -0.39 14.18
N GLU D 170 -25.77 -0.58 12.86
CA GLU D 170 -25.84 -1.92 12.30
C GLU D 170 -24.67 -2.78 12.75
N PHE D 171 -23.52 -2.17 13.01
CA PHE D 171 -22.32 -2.90 13.43
C PHE D 171 -22.18 -2.96 14.94
N THR D 172 -23.17 -2.50 15.70
CA THR D 172 -23.10 -2.47 17.15
C THR D 172 -24.29 -3.22 17.73
N THR D 173 -24.02 -3.99 18.79
CA THR D 173 -25.06 -4.75 19.46
C THR D 173 -26.11 -3.82 20.07
N LYS D 174 -27.23 -4.42 20.51
CA LYS D 174 -28.36 -3.63 20.98
C LYS D 174 -28.20 -3.15 22.41
N ASP D 175 -27.39 -3.84 23.23
CA ASP D 175 -27.24 -3.47 24.64
C ASP D 175 -26.31 -2.30 24.87
N GLN D 176 -25.83 -1.65 23.81
CA GLN D 176 -25.03 -0.44 23.95
C GLN D 176 -25.18 0.41 22.69
N ASP D 177 -24.88 1.69 22.83
CA ASP D 177 -24.96 2.65 21.73
C ASP D 177 -23.69 3.51 21.70
N LEU D 178 -23.20 3.79 20.50
CA LEU D 178 -21.98 4.57 20.32
C LEU D 178 -22.34 5.98 19.87
N ARG D 179 -21.74 6.97 20.54
CA ARG D 179 -21.94 8.36 20.17
C ARG D 179 -20.91 8.79 19.13
N TRP D 180 -21.12 9.97 18.56
CA TRP D 180 -20.26 10.49 17.50
C TRP D 180 -19.90 11.94 17.79
N GLN D 181 -18.68 12.31 17.42
CA GLN D 181 -18.20 13.68 17.58
C GLN D 181 -18.58 14.51 16.35
N SER D 182 -18.02 15.71 16.27
CA SER D 182 -18.31 16.61 15.16
C SER D 182 -17.26 16.56 14.07
N MET D 183 -15.98 16.45 14.44
CA MET D 183 -14.92 16.45 13.44
C MET D 183 -14.79 15.10 12.75
N ALA D 184 -15.13 14.01 13.42
CA ALA D 184 -15.02 12.69 12.81
C ALA D 184 -15.97 12.54 11.63
N ILE D 185 -17.21 13.01 11.79
CA ILE D 185 -18.17 12.92 10.69
C ILE D 185 -17.72 13.78 9.52
N MET D 186 -17.16 14.96 9.81
CA MET D 186 -16.67 15.84 8.75
C MET D 186 -15.53 15.19 8.00
N ALA D 187 -14.59 14.56 8.72
CA ALA D 187 -13.47 13.90 8.07
C ALA D 187 -13.93 12.73 7.22
N LEU D 188 -14.86 11.92 7.74
CA LEU D 188 -15.39 10.79 6.98
C LEU D 188 -16.11 11.27 5.73
N GLN D 189 -16.88 12.36 5.84
CA GLN D 189 -17.57 12.90 4.68
C GLN D 189 -16.59 13.42 3.65
N GLU D 190 -15.52 14.09 4.10
CA GLU D 190 -14.52 14.58 3.16
C GLU D 190 -13.84 13.44 2.42
N ALA D 191 -13.47 12.38 3.14
CA ALA D 191 -12.87 11.22 2.50
C ALA D 191 -13.83 10.57 1.51
N SER D 192 -15.11 10.48 1.87
CA SER D 192 -16.10 9.88 0.98
C SER D 192 -16.26 10.71 -0.29
N GLU D 193 -16.34 12.03 -0.16
CA GLU D 193 -16.47 12.88 -1.35
C GLU D 193 -15.23 12.79 -2.23
N ALA D 194 -14.05 12.73 -1.62
CA ALA D 194 -12.83 12.59 -2.41
C ALA D 194 -12.83 11.28 -3.19
N TYR D 195 -13.18 10.17 -2.52
CA TYR D 195 -13.23 8.88 -3.20
C TYR D 195 -14.27 8.88 -4.32
N LEU D 196 -15.43 9.50 -4.08
CA LEU D 196 -16.48 9.54 -5.08
C LEU D 196 -16.05 10.38 -6.28
N VAL D 197 -15.38 11.51 -6.04
CA VAL D 197 -14.91 12.34 -7.14
C VAL D 197 -13.86 11.60 -7.96
N GLY D 198 -12.95 10.89 -7.29
CA GLY D 198 -11.97 10.08 -8.02
C GLY D 198 -12.62 9.01 -8.88
N LEU D 199 -13.57 8.28 -8.31
CA LEU D 199 -14.26 7.24 -9.06
C LEU D 199 -15.03 7.82 -10.24
N LEU D 200 -15.65 8.98 -10.04
CA LEU D 200 -16.41 9.61 -11.12
C LEU D 200 -15.50 10.07 -12.23
N GLU D 201 -14.33 10.64 -11.89
CA GLU D 201 -13.37 11.03 -12.91
C GLU D 201 -12.88 9.81 -13.69
N HIS D 202 -12.60 8.71 -12.98
CA HIS D 202 -12.13 7.50 -13.66
C HIS D 202 -13.19 6.94 -14.60
N THR D 203 -14.45 6.87 -14.14
CA THR D 203 -15.50 6.34 -15.00
C THR D 203 -15.82 7.29 -16.15
N ASN D 204 -15.62 8.59 -15.96
CA ASN D 204 -15.82 9.52 -17.06
C ASN D 204 -14.74 9.35 -18.12
N LEU D 205 -13.49 9.16 -17.70
CA LEU D 205 -12.43 8.84 -18.65
C LEU D 205 -12.72 7.53 -19.38
N LEU D 206 -13.22 6.53 -18.65
CA LEU D 206 -13.54 5.25 -19.27
C LEU D 206 -14.66 5.38 -20.29
N ALA D 207 -15.67 6.21 -20.00
CA ALA D 207 -16.75 6.42 -20.93
C ALA D 207 -16.29 7.20 -22.16
N LEU D 208 -15.42 8.20 -21.95
CA LEU D 208 -14.86 8.95 -23.06
C LEU D 208 -13.97 8.09 -23.95
N HIS D 209 -13.35 7.04 -23.38
CA HIS D 209 -12.54 6.13 -24.19
C HIS D 209 -13.40 5.37 -25.20
N ALA D 210 -14.66 5.12 -24.87
CA ALA D 210 -15.56 4.33 -25.71
C ALA D 210 -16.26 5.16 -26.77
N LYS D 211 -15.71 6.32 -27.12
CA LYS D 211 -16.25 7.19 -28.17
C LYS D 211 -17.68 7.62 -27.85
N ARG D 212 -17.90 8.04 -26.61
CA ARG D 212 -19.20 8.54 -26.20
C ARG D 212 -19.02 9.41 -24.96
N ILE D 213 -20.05 10.19 -24.66
CA ILE D 213 -20.02 11.13 -23.54
C ILE D 213 -20.84 10.60 -22.36
N THR D 214 -21.97 9.97 -22.63
CA THR D 214 -22.82 9.46 -21.55
C THR D 214 -22.14 8.31 -20.82
N ILE D 215 -22.14 8.39 -19.49
CA ILE D 215 -21.55 7.35 -18.66
C ILE D 215 -22.58 6.26 -18.41
N MET D 216 -22.12 5.02 -18.36
CA MET D 216 -22.98 3.86 -18.16
C MET D 216 -22.55 3.11 -16.90
N LYS D 217 -23.41 2.19 -16.46
CA LYS D 217 -23.11 1.41 -15.27
C LYS D 217 -21.95 0.44 -15.52
N LYS D 218 -21.86 -0.09 -16.74
CA LYS D 218 -20.78 -1.02 -17.06
C LYS D 218 -19.41 -0.32 -17.01
N ASP D 219 -19.37 0.97 -17.35
CA ASP D 219 -18.12 1.71 -17.26
C ASP D 219 -17.64 1.80 -15.82
N MET D 220 -18.53 2.16 -14.89
CA MET D 220 -18.16 2.21 -13.49
C MET D 220 -17.80 0.82 -12.96
N GLN D 221 -18.51 -0.21 -13.43
CA GLN D 221 -18.19 -1.57 -13.03
C GLN D 221 -16.77 -1.93 -13.43
N LEU D 222 -16.41 -1.70 -14.68
CA LEU D 222 -15.07 -2.05 -15.15
C LEU D 222 -14.01 -1.18 -14.47
N ALA D 223 -14.34 0.08 -14.17
CA ALA D 223 -13.40 0.93 -13.46
C ALA D 223 -13.13 0.39 -12.06
N ARG D 224 -14.17 0.03 -11.33
CA ARG D 224 -13.99 -0.50 -9.99
C ARG D 224 -13.31 -1.87 -10.02
N ARG D 225 -13.51 -2.62 -11.10
CA ARG D 225 -12.85 -3.92 -11.22
C ARG D 225 -11.36 -3.76 -11.51
N ILE D 226 -11.01 -2.87 -12.43
CA ILE D 226 -9.61 -2.69 -12.79
C ILE D 226 -8.85 -1.83 -11.78
N ARG D 227 -9.56 -1.16 -10.87
CA ARG D 227 -8.87 -0.38 -9.84
C ARG D 227 -8.10 -1.27 -8.88
N GLY D 228 -8.56 -2.50 -8.68
CA GLY D 228 -7.87 -3.44 -7.82
C GLY D 228 -8.14 -3.28 -6.34
N GLN D 229 -8.85 -2.23 -5.94
CA GLN D 229 -9.13 -2.02 -4.52
C GLN D 229 -10.24 -2.97 -4.06
N PHE D 230 -10.39 -3.06 -2.74
CA PHE D 230 -11.39 -3.92 -2.11
C PHE D 230 -11.23 -5.38 -2.52
N ILE D 231 -9.99 -5.82 -2.73
CA ILE D 231 -9.72 -7.19 -3.13
C ILE D 231 -8.43 -7.68 -2.49
N ASP E 27 -34.51 3.53 3.22
CA ASP E 27 -35.25 4.59 3.88
C ASP E 27 -34.32 5.73 4.29
N ASN E 28 -33.05 5.40 4.51
CA ASN E 28 -32.04 6.38 4.90
C ASN E 28 -30.99 6.63 3.84
N ILE E 29 -30.88 5.76 2.84
CA ILE E 29 -29.89 5.95 1.78
C ILE E 29 -30.37 7.02 0.79
N GLN E 30 -31.62 7.46 0.93
CA GLN E 30 -32.18 8.45 0.02
C GLN E 30 -31.72 9.87 0.32
N GLY E 31 -30.82 10.07 1.28
CA GLY E 31 -30.27 11.38 1.54
C GLY E 31 -29.21 11.83 0.55
N ILE E 32 -29.00 11.06 -0.52
CA ILE E 32 -28.02 11.39 -1.55
C ILE E 32 -28.68 11.66 -2.89
N THR E 33 -29.86 12.28 -2.89
CA THR E 33 -30.67 12.52 -4.09
C THR E 33 -29.86 13.09 -5.25
N LYS E 34 -30.33 12.86 -6.47
CA LYS E 34 -29.59 13.08 -7.71
C LYS E 34 -29.01 14.49 -7.90
N PRO E 35 -29.53 15.56 -7.29
CA PRO E 35 -28.81 16.84 -7.36
C PRO E 35 -27.38 16.76 -6.83
N ALA E 36 -27.17 16.09 -5.69
CA ALA E 36 -25.83 16.01 -5.13
C ALA E 36 -24.91 15.17 -6.00
N ILE E 37 -25.42 14.05 -6.53
CA ILE E 37 -24.62 13.21 -7.41
C ILE E 37 -24.28 13.94 -8.70
N ARG E 38 -25.24 14.73 -9.21
CA ARG E 38 -24.98 15.52 -10.41
C ARG E 38 -23.92 16.59 -10.15
N ARG E 39 -23.97 17.22 -8.97
CA ARG E 39 -22.94 18.20 -8.62
C ARG E 39 -21.57 17.54 -8.51
N LEU E 40 -21.52 16.35 -7.91
CA LEU E 40 -20.24 15.63 -7.82
C LEU E 40 -19.72 15.25 -9.19
N ALA E 41 -20.61 14.84 -10.09
CA ALA E 41 -20.18 14.48 -11.44
C ALA E 41 -19.70 15.70 -12.21
N ARG E 42 -20.37 16.84 -12.03
CA ARG E 42 -19.91 18.06 -12.67
C ARG E 42 -18.55 18.49 -12.14
N ARG E 43 -18.32 18.28 -10.84
CA ARG E 43 -16.99 18.53 -10.28
C ARG E 43 -15.97 17.59 -10.88
N GLY E 44 -16.34 16.33 -11.11
CA GLY E 44 -15.46 15.36 -11.72
C GLY E 44 -15.27 15.53 -13.22
N GLY E 45 -16.08 16.39 -13.85
CA GLY E 45 -15.95 16.63 -15.27
C GLY E 45 -16.77 15.69 -16.14
N VAL E 46 -18.07 15.62 -15.87
CA VAL E 46 -18.98 14.77 -16.62
C VAL E 46 -19.99 15.66 -17.31
N LYS E 47 -20.23 15.40 -18.60
CA LYS E 47 -21.16 16.20 -19.39
C LYS E 47 -22.52 15.56 -19.57
N ARG E 48 -22.65 14.27 -19.28
CA ARG E 48 -23.93 13.57 -19.44
C ARG E 48 -23.95 12.39 -18.49
N ILE E 49 -25.04 12.27 -17.73
CA ILE E 49 -25.21 11.21 -16.74
C ILE E 49 -26.45 10.41 -17.10
N SER E 50 -26.35 9.09 -17.01
CA SER E 50 -27.47 8.21 -17.28
C SER E 50 -28.35 8.08 -16.03
N GLY E 51 -29.41 7.28 -16.16
CA GLY E 51 -30.34 7.08 -15.07
C GLY E 51 -29.98 5.96 -14.12
N LEU E 52 -29.03 5.10 -14.49
CA LEU E 52 -28.62 3.98 -13.67
C LEU E 52 -27.30 4.20 -12.95
N ILE E 53 -26.88 5.46 -12.78
CA ILE E 53 -25.61 5.73 -12.12
C ILE E 53 -25.81 6.00 -10.64
N TYR E 54 -26.95 6.59 -10.28
CA TYR E 54 -27.19 6.96 -8.89
C TYR E 54 -27.24 5.74 -7.98
N GLU E 55 -27.84 4.64 -8.45
CA GLU E 55 -27.95 3.44 -7.64
C GLU E 55 -26.56 2.87 -7.33
N GLU E 56 -25.70 2.77 -8.34
CA GLU E 56 -24.37 2.23 -8.11
C GLU E 56 -23.51 3.19 -7.28
N VAL E 57 -23.70 4.50 -7.46
CA VAL E 57 -22.99 5.47 -6.62
C VAL E 57 -23.37 5.27 -5.16
N ARG E 58 -24.67 5.14 -4.89
CA ARG E 58 -25.12 4.89 -3.52
C ARG E 58 -24.58 3.57 -3.00
N ALA E 59 -24.52 2.55 -3.85
CA ALA E 59 -24.02 1.24 -3.42
C ALA E 59 -22.55 1.31 -3.02
N VAL E 60 -21.72 1.91 -3.86
CA VAL E 60 -20.29 1.99 -3.55
C VAL E 60 -20.04 2.90 -2.34
N LEU E 61 -20.85 3.97 -2.21
CA LEU E 61 -20.73 4.83 -1.04
C LEU E 61 -21.08 4.07 0.24
N LYS E 62 -22.16 3.26 0.19
CA LYS E 62 -22.54 2.47 1.35
C LYS E 62 -21.47 1.44 1.69
N SER E 63 -20.86 0.82 0.67
CA SER E 63 -19.82 -0.16 0.94
C SER E 63 -18.61 0.48 1.60
N PHE E 64 -18.14 1.61 1.05
CA PHE E 64 -17.02 2.32 1.65
C PHE E 64 -17.35 2.75 3.08
N LEU E 65 -18.58 3.24 3.31
CA LEU E 65 -18.98 3.64 4.65
C LEU E 65 -18.98 2.47 5.60
N GLU E 66 -19.51 1.32 5.17
CA GLU E 66 -19.51 0.13 6.01
C GLU E 66 -18.09 -0.26 6.41
N SER E 67 -17.18 -0.27 5.43
CA SER E 67 -15.79 -0.64 5.73
C SER E 67 -15.16 0.32 6.74
N VAL E 68 -15.25 1.62 6.46
CA VAL E 68 -14.60 2.60 7.33
C VAL E 68 -15.23 2.59 8.72
N ILE E 69 -16.55 2.40 8.79
CA ILE E 69 -17.23 2.41 10.08
C ILE E 69 -16.90 1.17 10.88
N ARG E 70 -16.78 0.02 10.22
CA ARG E 70 -16.34 -1.18 10.92
C ARG E 70 -14.95 -0.99 11.50
N ASP E 71 -14.03 -0.43 10.71
CA ASP E 71 -12.68 -0.17 11.21
C ASP E 71 -12.70 0.79 12.39
N SER E 72 -13.46 1.88 12.29
CA SER E 72 -13.50 2.87 13.35
C SER E 72 -14.15 2.32 14.61
N VAL E 73 -15.18 1.48 14.45
CA VAL E 73 -15.83 0.88 15.61
C VAL E 73 -14.90 -0.09 16.31
N THR E 74 -14.15 -0.88 15.55
CA THR E 74 -13.14 -1.76 16.16
C THR E 74 -12.11 -0.94 16.92
N TYR E 75 -11.63 0.16 16.31
CA TYR E 75 -10.63 1.00 16.96
C TYR E 75 -11.16 1.60 18.25
N THR E 76 -12.39 2.11 18.23
CA THR E 76 -12.93 2.77 19.43
C THR E 76 -13.39 1.76 20.47
N GLU E 77 -13.61 0.50 20.08
CA GLU E 77 -13.98 -0.51 21.05
C GLU E 77 -12.76 -1.17 21.68
N HIS E 78 -11.61 -1.14 21.00
CA HIS E 78 -10.39 -1.65 21.62
C HIS E 78 -10.00 -0.83 22.83
N ALA E 79 -10.20 0.48 22.78
CA ALA E 79 -9.81 1.38 23.85
C ALA E 79 -10.86 1.50 24.95
N LYS E 80 -11.93 0.69 24.89
CA LYS E 80 -13.00 0.70 25.89
C LYS E 80 -13.63 2.09 26.00
N ARG E 81 -14.14 2.57 24.88
CA ARG E 81 -14.80 3.87 24.81
C ARG E 81 -16.14 3.73 24.10
N LYS E 82 -17.06 4.64 24.40
CA LYS E 82 -18.38 4.65 23.80
C LYS E 82 -18.61 5.86 22.90
N THR E 83 -17.56 6.61 22.57
CA THR E 83 -17.65 7.76 21.69
C THR E 83 -16.56 7.67 20.62
N VAL E 84 -16.96 7.83 19.37
CA VAL E 84 -16.05 7.75 18.23
C VAL E 84 -15.47 9.14 17.98
N THR E 85 -14.14 9.23 18.02
CA THR E 85 -13.43 10.49 17.80
C THR E 85 -12.82 10.52 16.41
N SER E 86 -12.30 11.69 16.04
CA SER E 86 -11.68 11.84 14.72
C SER E 86 -10.34 11.10 14.66
N LEU E 87 -9.71 10.86 15.81
CA LEU E 87 -8.44 10.14 15.83
C LEU E 87 -8.61 8.71 15.32
N ASP E 88 -9.65 8.01 15.79
CA ASP E 88 -9.90 6.66 15.31
C ASP E 88 -10.21 6.66 13.82
N VAL E 89 -10.94 7.67 13.35
CA VAL E 89 -11.31 7.75 11.94
C VAL E 89 -10.06 7.94 11.07
N VAL E 90 -9.18 8.86 11.45
CA VAL E 90 -7.99 9.09 10.64
C VAL E 90 -7.04 7.91 10.74
N TYR E 91 -7.01 7.22 11.89
CA TYR E 91 -6.18 6.03 12.01
C TYR E 91 -6.69 4.92 11.10
N ALA E 92 -8.00 4.71 11.06
CA ALA E 92 -8.57 3.72 10.16
C ALA E 92 -8.32 4.08 8.70
N LEU E 93 -8.42 5.37 8.38
CA LEU E 93 -8.17 5.80 7.00
C LEU E 93 -6.72 5.58 6.61
N LYS E 94 -5.79 5.81 7.55
CA LYS E 94 -4.38 5.57 7.26
C LYS E 94 -4.08 4.09 7.14
N ARG E 95 -4.74 3.26 7.96
CA ARG E 95 -4.52 1.82 7.88
C ARG E 95 -5.11 1.22 6.61
N GLN E 96 -6.20 1.82 6.11
CA GLN E 96 -6.80 1.33 4.87
C GLN E 96 -5.91 1.63 3.68
N GLY E 97 -5.24 2.78 3.68
CA GLY E 97 -4.36 3.16 2.59
C GLY E 97 -4.68 4.52 2.02
N ARG E 98 -5.52 5.29 2.70
CA ARG E 98 -5.91 6.62 2.27
C ARG E 98 -5.66 7.59 3.41
N THR E 99 -4.45 8.14 3.46
CA THR E 99 -4.09 9.08 4.52
C THR E 99 -4.81 10.40 4.33
N LEU E 100 -5.31 10.96 5.43
CA LEU E 100 -6.05 12.21 5.42
C LEU E 100 -5.32 13.25 6.25
N TYR E 101 -5.18 14.45 5.70
CA TYR E 101 -4.50 15.56 6.36
C TYR E 101 -5.50 16.65 6.73
N GLY E 102 -5.19 17.37 7.80
CA GLY E 102 -5.99 18.50 8.23
C GLY E 102 -6.86 18.25 9.44
N PHE E 103 -7.00 17.00 9.88
CA PHE E 103 -7.82 16.66 11.04
C PHE E 103 -6.99 16.14 12.21
N GLY E 104 -5.71 16.45 12.24
CA GLY E 104 -4.85 16.03 13.32
C GLY E 104 -4.45 14.56 13.22
N GLY E 105 -3.55 14.16 14.11
CA GLY E 105 -3.07 12.79 14.14
C GLY E 105 -1.89 12.54 13.23
N GLN F 19 8.59 -30.09 30.94
CA GLN F 19 7.45 -30.00 30.04
C GLN F 19 7.46 -28.69 29.26
N SER F 20 7.40 -28.79 27.94
CA SER F 20 7.40 -27.60 27.10
C SER F 20 6.08 -26.85 27.22
N ARG F 21 6.14 -25.54 26.92
CA ARG F 21 4.93 -24.73 27.00
C ARG F 21 3.98 -25.03 25.85
N SER F 22 4.50 -25.58 24.74
CA SER F 22 3.65 -25.91 23.61
C SER F 22 2.73 -27.07 23.93
N ALA F 23 3.21 -28.06 24.69
CA ALA F 23 2.37 -29.21 25.05
C ALA F 23 1.37 -28.86 26.13
N LYS F 24 1.65 -27.82 26.92
CA LYS F 24 0.72 -27.43 27.98
C LYS F 24 -0.56 -26.84 27.40
N ALA F 25 -0.43 -26.04 26.34
CA ALA F 25 -1.59 -25.43 25.69
C ALA F 25 -2.14 -26.28 24.54
N GLY F 26 -1.52 -27.42 24.25
CA GLY F 26 -1.99 -28.27 23.16
C GLY F 26 -1.79 -27.68 21.79
N LEU F 27 -0.61 -27.14 21.51
CA LEU F 27 -0.30 -26.52 20.23
C LEU F 27 0.96 -27.16 19.65
N THR F 28 0.96 -27.36 18.33
CA THR F 28 2.11 -27.96 17.67
C THR F 28 3.22 -26.94 17.44
N PHE F 29 2.86 -25.71 17.07
CA PHE F 29 3.85 -24.68 16.83
C PHE F 29 4.53 -24.28 18.15
N PRO F 30 5.78 -23.84 18.10
CA PRO F 30 6.49 -23.48 19.33
C PRO F 30 5.91 -22.22 19.97
N VAL F 31 6.25 -22.04 21.24
CA VAL F 31 5.78 -20.91 22.03
C VAL F 31 6.94 -20.03 22.49
N GLY F 32 8.02 -20.63 22.98
CA GLY F 32 9.16 -19.85 23.43
C GLY F 32 9.91 -19.20 22.27
N ARG F 33 9.94 -19.87 21.12
CA ARG F 33 10.65 -19.34 19.97
C ARG F 33 9.99 -18.05 19.47
N VAL F 34 8.68 -18.09 19.25
CA VAL F 34 7.97 -16.89 18.83
C VAL F 34 8.01 -15.83 19.93
N HIS F 35 8.04 -16.25 21.19
CA HIS F 35 8.16 -15.30 22.30
C HIS F 35 9.47 -14.52 22.19
N ARG F 36 10.59 -15.23 22.02
CA ARG F 36 11.87 -14.55 21.86
C ARG F 36 11.89 -13.71 20.58
N LEU F 37 11.23 -14.18 19.53
CA LEU F 37 11.19 -13.43 18.27
C LEU F 37 10.49 -12.09 18.45
N LEU F 38 9.33 -12.09 19.11
CA LEU F 38 8.60 -10.85 19.33
C LEU F 38 9.20 -10.01 20.45
N ARG F 39 10.02 -10.60 21.32
CA ARG F 39 10.68 -9.81 22.36
C ARG F 39 11.94 -9.13 21.84
N ARG F 40 12.63 -9.74 20.87
CA ARG F 40 13.83 -9.16 20.29
C ARG F 40 13.55 -8.38 19.01
N GLY F 41 12.29 -8.18 18.65
CA GLY F 41 11.91 -7.48 17.45
C GLY F 41 11.66 -6.00 17.59
N ASN F 42 11.96 -5.43 18.77
CA ASN F 42 11.78 -3.99 19.01
C ASN F 42 10.33 -3.56 18.77
N TYR F 43 9.41 -4.24 19.46
CA TYR F 43 7.98 -3.94 19.34
C TYR F 43 7.44 -3.15 20.51
N ALA F 44 7.87 -3.45 21.74
CA ALA F 44 7.40 -2.74 22.91
C ALA F 44 8.43 -2.89 24.02
N GLN F 45 8.23 -2.11 25.09
CA GLN F 45 9.15 -2.18 26.22
C GLN F 45 8.96 -3.46 27.03
N ARG F 46 7.72 -3.90 27.19
CA ARG F 46 7.41 -5.11 27.93
C ARG F 46 6.50 -6.00 27.10
N ILE F 47 6.46 -7.27 27.46
CA ILE F 47 5.70 -8.29 26.72
C ILE F 47 4.83 -9.04 27.72
N GLY F 48 3.56 -9.21 27.38
CA GLY F 48 2.64 -9.93 28.23
C GLY F 48 2.91 -11.41 28.28
N SER F 49 1.96 -12.14 28.86
CA SER F 49 2.12 -13.59 29.02
C SER F 49 1.18 -14.37 28.11
N GLY F 50 0.02 -13.81 27.76
CA GLY F 50 -0.94 -14.46 26.91
C GLY F 50 -0.86 -14.12 25.44
N ALA F 51 0.08 -13.28 25.05
CA ALA F 51 0.25 -12.89 23.64
C ALA F 51 0.97 -13.96 22.82
N PRO F 52 2.08 -14.54 23.29
CA PRO F 52 2.75 -15.56 22.45
C PRO F 52 1.90 -16.78 22.18
N VAL F 53 1.17 -17.28 23.19
CA VAL F 53 0.32 -18.46 22.97
C VAL F 53 -0.81 -18.13 22.01
N TYR F 54 -1.38 -16.93 22.12
CA TYR F 54 -2.44 -16.51 21.21
C TYR F 54 -1.93 -16.44 19.77
N LEU F 55 -0.77 -15.81 19.57
CA LEU F 55 -0.19 -15.71 18.24
C LEU F 55 0.16 -17.08 17.68
N THR F 56 0.68 -17.97 18.54
CA THR F 56 1.01 -19.33 18.11
C THR F 56 -0.25 -20.07 17.66
N ALA F 57 -1.33 -19.95 18.42
CA ALA F 57 -2.58 -20.61 18.06
C ALA F 57 -3.12 -20.07 16.73
N VAL F 58 -3.06 -18.74 16.54
CA VAL F 58 -3.55 -18.15 15.30
C VAL F 58 -2.73 -18.64 14.11
N LEU F 59 -1.40 -18.62 14.25
CA LEU F 59 -0.53 -19.07 13.17
C LEU F 59 -0.74 -20.55 12.87
N GLU F 60 -0.92 -21.38 13.90
CA GLU F 60 -1.15 -22.80 13.69
C GLU F 60 -2.48 -23.04 12.98
N TYR F 61 -3.52 -22.29 13.36
CA TYR F 61 -4.81 -22.43 12.68
C TYR F 61 -4.70 -22.05 11.21
N LEU F 62 -4.04 -20.93 10.92
CA LEU F 62 -3.87 -20.51 9.53
C LEU F 62 -3.08 -21.54 8.72
N ALA F 63 -1.99 -22.04 9.30
CA ALA F 63 -1.18 -23.04 8.61
C ALA F 63 -1.96 -24.31 8.37
N ALA F 64 -2.73 -24.77 9.36
CA ALA F 64 -3.53 -25.97 9.18
C ALA F 64 -4.58 -25.78 8.09
N GLU F 65 -5.21 -24.61 8.06
CA GLU F 65 -6.23 -24.35 7.03
C GLU F 65 -5.60 -24.37 5.64
N ILE F 66 -4.49 -23.65 5.45
CA ILE F 66 -3.89 -23.59 4.13
C ILE F 66 -3.33 -24.94 3.72
N LEU F 67 -2.83 -25.73 4.69
CA LEU F 67 -2.30 -27.05 4.37
C LEU F 67 -3.42 -28.00 3.98
N GLU F 68 -4.56 -27.94 4.68
CA GLU F 68 -5.70 -28.76 4.29
C GLU F 68 -6.20 -28.40 2.91
N LEU F 69 -6.26 -27.09 2.60
CA LEU F 69 -6.70 -26.68 1.27
C LEU F 69 -5.74 -27.17 0.20
N ALA F 70 -4.42 -27.03 0.43
CA ALA F 70 -3.45 -27.50 -0.55
C ALA F 70 -3.51 -29.01 -0.72
N GLY F 71 -3.70 -29.75 0.37
CA GLY F 71 -3.81 -31.20 0.27
C GLY F 71 -5.04 -31.63 -0.49
N ASN F 72 -6.17 -30.95 -0.27
CA ASN F 72 -7.37 -31.25 -1.02
C ASN F 72 -7.19 -30.95 -2.51
N ALA F 73 -6.55 -29.81 -2.82
CA ALA F 73 -6.32 -29.47 -4.21
C ALA F 73 -5.38 -30.46 -4.89
N ALA F 74 -4.41 -30.99 -4.14
CA ALA F 74 -3.49 -31.98 -4.70
C ALA F 74 -4.17 -33.33 -4.88
N ARG F 75 -5.05 -33.70 -3.94
CA ARG F 75 -5.76 -34.97 -4.06
C ARG F 75 -6.80 -34.92 -5.17
N ASP F 76 -7.33 -33.74 -5.48
CA ASP F 76 -8.30 -33.63 -6.56
C ASP F 76 -7.67 -33.99 -7.90
N ASN F 77 -6.37 -33.76 -8.05
CA ASN F 77 -5.65 -34.07 -9.28
C ASN F 77 -4.89 -35.39 -9.20
N LYS F 78 -5.35 -36.32 -8.37
CA LYS F 78 -4.75 -37.64 -8.15
C LYS F 78 -3.22 -37.57 -8.12
N LYS F 79 -2.72 -36.65 -7.30
CA LYS F 79 -1.29 -36.47 -7.10
C LYS F 79 -0.89 -36.90 -5.70
N THR F 80 0.40 -37.20 -5.53
CA THR F 80 0.94 -37.65 -4.27
C THR F 80 1.79 -36.61 -3.56
N ARG F 81 2.10 -35.49 -4.23
CA ARG F 81 2.91 -34.44 -3.63
C ARG F 81 2.29 -33.09 -3.95
N ILE F 82 2.63 -32.10 -3.12
CA ILE F 82 2.09 -30.75 -3.24
C ILE F 82 3.08 -29.89 -4.03
N ILE F 83 2.60 -29.23 -5.06
CA ILE F 83 3.42 -28.35 -5.89
C ILE F 83 2.87 -26.94 -5.73
N PRO F 84 3.67 -25.92 -6.06
CA PRO F 84 3.17 -24.54 -5.98
C PRO F 84 1.93 -24.28 -6.80
N ARG F 85 1.68 -25.07 -7.85
CA ARG F 85 0.45 -24.90 -8.63
C ARG F 85 -0.78 -25.20 -7.78
N HIS F 86 -0.72 -26.25 -6.94
CA HIS F 86 -1.84 -26.56 -6.07
C HIS F 86 -2.05 -25.45 -5.04
N LEU F 87 -0.96 -24.89 -4.52
CA LEU F 87 -1.08 -23.78 -3.57
C LEU F 87 -1.72 -22.56 -4.23
N GLN F 88 -1.30 -22.25 -5.46
CA GLN F 88 -1.89 -21.12 -6.18
C GLN F 88 -3.37 -21.35 -6.44
N LEU F 89 -3.74 -22.58 -6.81
CA LEU F 89 -5.14 -22.89 -7.06
C LEU F 89 -5.96 -22.77 -5.79
N ALA F 90 -5.45 -23.28 -4.67
CA ALA F 90 -6.18 -23.19 -3.41
C ALA F 90 -6.29 -21.75 -2.93
N ILE F 91 -5.30 -20.92 -3.26
CA ILE F 91 -5.35 -19.51 -2.87
C ILE F 91 -6.38 -18.77 -3.70
N ARG F 92 -6.35 -18.98 -5.03
CA ARG F 92 -7.26 -18.27 -5.93
C ARG F 92 -8.68 -18.83 -5.89
N ASN F 93 -8.90 -20.00 -5.31
CA ASN F 93 -10.23 -20.59 -5.23
C ASN F 93 -10.97 -20.22 -3.94
N ASP F 94 -10.40 -19.37 -3.11
CA ASP F 94 -11.02 -18.92 -1.87
C ASP F 94 -11.06 -17.40 -1.85
N ASP F 95 -12.22 -16.85 -1.46
CA ASP F 95 -12.38 -15.41 -1.47
C ASP F 95 -11.60 -14.75 -0.33
N GLU F 96 -11.63 -15.34 0.85
CA GLU F 96 -10.93 -14.75 1.99
C GLU F 96 -9.42 -14.84 1.83
N LEU F 97 -8.92 -15.98 1.34
CA LEU F 97 -7.48 -16.11 1.10
C LEU F 97 -7.03 -15.20 -0.02
N ASN F 98 -7.88 -14.96 -1.01
CA ASN F 98 -7.54 -14.03 -2.08
C ASN F 98 -7.54 -12.59 -1.58
N LYS F 99 -8.44 -12.28 -0.64
CA LYS F 99 -8.47 -10.94 -0.07
C LYS F 99 -7.27 -10.70 0.84
N LEU F 100 -6.82 -11.75 1.55
CA LEU F 100 -5.66 -11.61 2.42
C LEU F 100 -4.36 -11.56 1.64
N LEU F 101 -4.30 -12.22 0.49
CA LEU F 101 -3.10 -12.29 -0.34
C LEU F 101 -3.36 -11.72 -1.73
N GLY F 102 -4.01 -10.56 -1.78
CA GLY F 102 -4.31 -9.94 -3.07
C GLY F 102 -3.07 -9.44 -3.78
N ASN F 103 -2.15 -8.82 -3.03
CA ASN F 103 -0.93 -8.27 -3.59
C ASN F 103 0.28 -9.19 -3.42
N VAL F 104 0.04 -10.50 -3.30
CA VAL F 104 1.11 -11.47 -3.12
C VAL F 104 1.09 -12.46 -4.28
N THR F 105 2.27 -12.68 -4.88
CA THR F 105 2.42 -13.62 -5.98
C THR F 105 3.13 -14.88 -5.51
N ILE F 106 2.86 -15.98 -6.19
CA ILE F 106 3.42 -17.29 -5.86
C ILE F 106 4.40 -17.67 -6.97
N ALA F 107 5.61 -18.07 -6.58
CA ALA F 107 6.61 -18.48 -7.55
C ALA F 107 6.23 -19.84 -8.15
N GLN F 108 6.37 -19.94 -9.47
CA GLN F 108 6.04 -21.16 -10.22
C GLN F 108 4.60 -21.59 -9.99
N GLY F 109 3.70 -20.63 -9.81
CA GLY F 109 2.30 -20.94 -9.59
C GLY F 109 1.44 -20.74 -10.82
N GLY F 110 1.71 -19.68 -11.57
CA GLY F 110 0.96 -19.39 -12.77
C GLY F 110 -0.40 -18.79 -12.47
N VAL F 111 -1.18 -18.61 -13.53
CA VAL F 111 -2.51 -18.04 -13.44
C VAL F 111 -3.53 -19.17 -13.51
N LEU F 112 -4.74 -18.89 -13.02
CA LEU F 112 -5.78 -19.90 -13.04
C LEU F 112 -6.63 -19.77 -14.30
N PRO F 113 -7.11 -20.89 -14.85
CA PRO F 113 -7.91 -20.82 -16.07
C PRO F 113 -9.29 -20.23 -15.81
N ASN F 114 -9.88 -19.70 -16.88
CA ASN F 114 -11.21 -19.09 -16.80
C ASN F 114 -11.92 -19.29 -18.12
N ILE F 115 -13.24 -19.15 -18.08
CA ILE F 115 -14.07 -19.30 -19.27
C ILE F 115 -14.26 -17.96 -19.96
N LYS G 37 28.47 -22.47 7.93
CA LYS G 37 28.77 -23.15 9.19
C LYS G 37 27.83 -22.69 10.29
N ALA G 38 26.93 -21.76 9.96
CA ALA G 38 25.96 -21.22 10.90
C ALA G 38 24.58 -21.74 10.53
N ARG G 39 23.95 -22.44 11.46
CA ARG G 39 22.63 -23.01 11.22
C ARG G 39 21.53 -21.98 11.45
N LYS G 40 20.42 -22.16 10.75
CA LYS G 40 19.26 -21.29 10.87
C LYS G 40 18.05 -22.12 11.26
N GLU G 41 17.02 -21.43 11.78
CA GLU G 41 15.78 -22.06 12.20
C GLU G 41 14.68 -21.74 11.20
N THR G 42 13.84 -22.74 10.91
CA THR G 42 12.73 -22.58 10.00
C THR G 42 11.51 -23.31 10.57
N TYR G 43 10.34 -22.97 10.04
CA TYR G 43 9.10 -23.63 10.43
C TYR G 43 8.82 -24.85 9.54
N SER G 44 9.79 -25.75 9.45
CA SER G 44 9.67 -26.91 8.59
C SER G 44 9.08 -28.12 9.32
N SER G 45 9.65 -28.45 10.49
CA SER G 45 9.18 -29.63 11.23
C SER G 45 7.74 -29.46 11.69
N TYR G 46 7.40 -28.26 12.18
CA TYR G 46 6.03 -28.02 12.67
C TYR G 46 5.03 -28.07 11.52
N ILE G 47 5.36 -27.48 10.38
CA ILE G 47 4.47 -27.51 9.23
C ILE G 47 4.31 -28.95 8.73
N TYR G 48 5.40 -29.71 8.73
CA TYR G 48 5.32 -31.11 8.30
C TYR G 48 4.45 -31.92 9.25
N LYS G 49 4.58 -31.68 10.55
CA LYS G 49 3.75 -32.40 11.52
C LYS G 49 2.27 -32.02 11.36
N VAL G 50 2.00 -30.74 11.11
CA VAL G 50 0.61 -30.32 10.90
C VAL G 50 0.05 -30.96 9.64
N LEU G 51 0.84 -31.03 8.56
CA LEU G 51 0.38 -31.66 7.34
C LEU G 51 0.13 -33.15 7.54
N LYS G 52 1.02 -33.82 8.29
CA LYS G 52 0.81 -35.24 8.58
C LYS G 52 -0.42 -35.46 9.44
N GLN G 53 -0.71 -34.55 10.37
CA GLN G 53 -1.93 -34.67 11.17
C GLN G 53 -3.17 -34.44 10.31
N THR G 54 -3.09 -33.53 9.35
CA THR G 54 -4.22 -33.27 8.47
C THR G 54 -4.39 -34.38 7.45
N HIS G 55 -3.37 -34.63 6.65
CA HIS G 55 -3.41 -35.69 5.64
C HIS G 55 -2.39 -36.77 5.99
N PRO G 56 -2.79 -38.03 6.13
CA PRO G 56 -1.84 -39.06 6.54
C PRO G 56 -0.79 -39.40 5.49
N ASP G 57 -1.15 -39.37 4.21
CA ASP G 57 -0.24 -39.75 3.12
C ASP G 57 -0.21 -38.62 2.09
N THR G 58 0.65 -37.63 2.31
CA THR G 58 0.85 -36.54 1.37
C THR G 58 2.23 -35.93 1.54
N GLY G 59 2.98 -35.80 0.44
CA GLY G 59 4.31 -35.23 0.47
C GLY G 59 4.30 -33.73 0.25
N ILE G 60 5.50 -33.17 0.18
CA ILE G 60 5.67 -31.74 -0.04
C ILE G 60 7.06 -31.53 -0.64
N SER G 61 7.24 -30.38 -1.29
CA SER G 61 8.51 -30.02 -1.91
C SER G 61 9.16 -28.88 -1.16
N GLN G 62 10.38 -28.52 -1.58
CA GLN G 62 11.11 -27.44 -0.93
C GLN G 62 10.50 -26.09 -1.29
N LYS G 63 9.98 -25.94 -2.50
CA LYS G 63 9.39 -24.67 -2.91
C LYS G 63 8.14 -24.37 -2.10
N SER G 64 7.26 -25.37 -1.94
CA SER G 64 6.05 -25.18 -1.16
C SER G 64 6.39 -24.91 0.31
N MET G 65 7.41 -25.57 0.83
CA MET G 65 7.82 -25.33 2.21
C MET G 65 8.33 -23.91 2.39
N SER G 66 9.16 -23.43 1.46
CA SER G 66 9.64 -22.05 1.55
C SER G 66 8.50 -21.06 1.40
N ILE G 67 7.53 -21.35 0.54
CA ILE G 67 6.39 -20.46 0.36
C ILE G 67 5.58 -20.38 1.66
N LEU G 68 5.32 -21.53 2.29
CA LEU G 68 4.57 -21.52 3.54
C LEU G 68 5.34 -20.81 4.65
N ASN G 69 6.67 -21.00 4.69
CA ASN G 69 7.48 -20.31 5.69
C ASN G 69 7.42 -18.80 5.51
N SER G 70 7.58 -18.33 4.26
CA SER G 70 7.48 -16.91 3.99
C SER G 70 6.09 -16.37 4.35
N PHE G 71 5.05 -17.14 4.07
CA PHE G 71 3.70 -16.70 4.36
C PHE G 71 3.48 -16.56 5.86
N VAL G 72 3.88 -17.56 6.64
CA VAL G 72 3.68 -17.49 8.08
C VAL G 72 4.55 -16.41 8.70
N ASN G 73 5.74 -16.19 8.16
CA ASN G 73 6.60 -15.12 8.66
C ASN G 73 5.99 -13.75 8.37
N ASP G 74 5.44 -13.57 7.17
CA ASP G 74 4.79 -12.30 6.84
C ASP G 74 3.57 -12.06 7.71
N ILE G 75 2.78 -13.10 7.97
CA ILE G 75 1.60 -12.94 8.82
C ILE G 75 2.00 -12.58 10.23
N PHE G 76 3.03 -13.26 10.77
CA PHE G 76 3.51 -12.95 12.11
C PHE G 76 4.02 -11.53 12.19
N GLU G 77 4.78 -11.09 11.18
CA GLU G 77 5.30 -9.73 11.18
C GLU G 77 4.17 -8.70 11.12
N ARG G 78 3.18 -8.94 10.26
CA ARG G 78 2.04 -8.02 10.17
C ARG G 78 1.31 -7.92 11.49
N ILE G 79 1.00 -9.06 12.12
CA ILE G 79 0.28 -9.04 13.40
C ILE G 79 1.11 -8.34 14.46
N ALA G 80 2.42 -8.58 14.47
CA ALA G 80 3.28 -7.96 15.48
C ALA G 80 3.31 -6.44 15.33
N THR G 81 3.51 -5.96 14.10
CA THR G 81 3.54 -4.51 13.92
C THR G 81 2.18 -3.88 14.19
N GLU G 82 1.09 -4.57 13.85
CA GLU G 82 -0.23 -4.04 14.14
C GLU G 82 -0.45 -3.92 15.65
N ALA G 83 -0.08 -4.96 16.40
CA ALA G 83 -0.22 -4.91 17.85
C ALA G 83 0.66 -3.83 18.45
N SER G 84 1.88 -3.66 17.92
CA SER G 84 2.78 -2.64 18.43
C SER G 84 2.21 -1.25 18.19
N LYS G 85 1.68 -1.00 16.99
CA LYS G 85 1.08 0.30 16.70
C LYS G 85 -0.16 0.54 17.56
N LEU G 86 -0.96 -0.49 17.79
CA LEU G 86 -2.15 -0.34 18.62
C LEU G 86 -1.78 -0.04 20.07
N ALA G 87 -0.70 -0.66 20.56
CA ALA G 87 -0.26 -0.38 21.92
C ALA G 87 0.35 1.02 22.03
N ALA G 88 1.03 1.48 20.98
CA ALA G 88 1.59 2.82 21.00
C ALA G 88 0.51 3.88 20.83
N TYR G 89 -0.64 3.52 20.27
CA TYR G 89 -1.72 4.48 20.10
C TYR G 89 -2.30 4.90 21.45
N ASN G 90 -2.53 3.95 22.35
CA ASN G 90 -3.15 4.21 23.64
C ASN G 90 -2.14 4.52 24.73
N LYS G 91 -0.92 4.93 24.35
CA LYS G 91 0.13 5.29 25.32
C LYS G 91 0.43 4.13 26.26
N LYS G 92 0.40 2.92 25.74
CA LYS G 92 0.67 1.71 26.51
C LYS G 92 2.10 1.25 26.28
N SER G 93 2.57 0.37 27.18
CA SER G 93 3.92 -0.16 27.10
C SER G 93 3.96 -1.69 27.23
N THR G 94 2.83 -2.36 27.06
CA THR G 94 2.77 -3.81 27.18
C THR G 94 1.97 -4.38 26.02
N ILE G 95 2.25 -5.65 25.70
CA ILE G 95 1.53 -6.36 24.66
C ILE G 95 0.81 -7.55 25.28
N SER G 96 -0.47 -7.36 25.61
CA SER G 96 -1.27 -8.42 26.23
C SER G 96 -2.03 -9.17 25.14
N ALA G 97 -2.92 -10.08 25.56
CA ALA G 97 -3.70 -10.85 24.60
C ALA G 97 -4.78 -10.01 23.94
N ARG G 98 -5.22 -8.94 24.60
CA ARG G 98 -6.27 -8.09 24.03
C ARG G 98 -5.78 -7.39 22.78
N GLU G 99 -4.55 -6.87 22.82
CA GLU G 99 -3.99 -6.20 21.65
C GLU G 99 -3.81 -7.16 20.48
N ILE G 100 -3.34 -8.38 20.74
CA ILE G 100 -3.15 -9.35 19.67
C ILE G 100 -4.51 -9.76 19.09
N GLN G 101 -5.51 -9.91 19.96
CA GLN G 101 -6.85 -10.26 19.49
C GLN G 101 -7.43 -9.15 18.62
N THR G 102 -7.26 -7.90 19.03
CA THR G 102 -7.77 -6.79 18.23
C THR G 102 -7.02 -6.68 16.91
N ALA G 103 -5.70 -6.93 16.92
CA ALA G 103 -4.95 -6.90 15.67
C ALA G 103 -5.40 -8.01 14.73
N VAL G 104 -5.69 -9.19 15.27
CA VAL G 104 -6.18 -10.29 14.45
C VAL G 104 -7.55 -9.94 13.87
N ARG G 105 -8.43 -9.35 14.69
CA ARG G 105 -9.74 -8.96 14.19
C ARG G 105 -9.65 -7.87 13.13
N LEU G 106 -8.63 -7.00 13.23
CA LEU G 106 -8.49 -5.90 12.28
C LEU G 106 -7.79 -6.33 11.00
N ILE G 107 -6.98 -7.38 11.06
CA ILE G 107 -6.23 -7.83 9.87
C ILE G 107 -7.00 -8.89 9.10
N LEU G 108 -7.43 -9.94 9.78
CA LEU G 108 -8.09 -11.06 9.13
C LEU G 108 -9.52 -10.69 8.73
N PRO G 109 -10.07 -11.36 7.70
CA PRO G 109 -11.46 -11.11 7.32
C PRO G 109 -12.46 -11.63 8.36
N GLY G 110 -13.75 -11.51 8.06
CA GLY G 110 -14.80 -11.83 9.00
C GLY G 110 -14.75 -13.22 9.61
N GLU G 111 -14.99 -14.25 8.79
CA GLU G 111 -15.03 -15.61 9.32
C GLU G 111 -13.66 -16.08 9.78
N LEU G 112 -12.61 -15.67 9.07
CA LEU G 112 -11.24 -16.06 9.46
C LEU G 112 -10.91 -15.53 10.85
N ALA G 113 -11.16 -14.25 11.10
CA ALA G 113 -10.90 -13.69 12.43
C ALA G 113 -11.86 -14.27 13.46
N LYS G 114 -13.10 -14.54 13.08
CA LYS G 114 -14.06 -15.12 14.02
C LYS G 114 -13.59 -16.47 14.51
N HIS G 115 -13.00 -17.28 13.64
CA HIS G 115 -12.47 -18.57 14.05
C HIS G 115 -11.13 -18.41 14.78
N ALA G 116 -10.30 -17.45 14.35
CA ALA G 116 -8.99 -17.28 14.95
C ALA G 116 -9.09 -16.82 16.40
N VAL G 117 -9.99 -15.87 16.69
CA VAL G 117 -10.14 -15.40 18.06
C VAL G 117 -10.70 -16.50 18.95
N SER G 118 -11.57 -17.35 18.40
CA SER G 118 -12.10 -18.47 19.17
C SER G 118 -10.98 -19.46 19.50
N GLU G 119 -10.17 -19.82 18.51
CA GLU G 119 -9.05 -20.73 18.75
C GLU G 119 -8.07 -20.13 19.76
N GLY G 120 -7.80 -18.84 19.65
CA GLY G 120 -6.87 -18.19 20.57
C GLY G 120 -7.39 -18.17 22.00
N THR G 121 -8.69 -17.85 22.17
CA THR G 121 -9.27 -17.85 23.50
C THR G 121 -9.29 -19.26 24.08
N ARG G 122 -9.59 -20.26 23.25
CA ARG G 122 -9.55 -21.65 23.74
C ARG G 122 -8.14 -22.02 24.20
N ALA G 123 -7.12 -21.69 23.40
CA ALA G 123 -5.75 -22.01 23.79
C ALA G 123 -5.35 -21.26 25.07
N VAL G 124 -5.82 -20.02 25.21
CA VAL G 124 -5.47 -19.24 26.40
C VAL G 124 -6.10 -19.85 27.65
N THR G 125 -7.39 -20.20 27.59
CA THR G 125 -8.03 -20.79 28.76
C THR G 125 -7.52 -22.19 29.02
N LYS G 126 -6.97 -22.86 28.01
CA LYS G 126 -6.37 -24.18 28.23
C LYS G 126 -5.01 -24.05 28.89
N TYR G 127 -4.22 -23.05 28.49
CA TYR G 127 -2.89 -22.86 29.07
C TYR G 127 -2.99 -22.30 30.49
N SER G 128 -4.00 -21.47 30.75
CA SER G 128 -4.16 -20.87 32.07
C SER G 128 -4.60 -21.87 33.13
N SER G 129 -5.05 -23.05 32.74
CA SER G 129 -5.50 -24.07 33.69
C SER G 129 -4.27 -24.72 34.31
N SER G 130 -3.77 -24.11 35.39
CA SER G 130 -2.60 -24.62 36.08
C SER G 130 -2.89 -24.85 37.56
N GLN H 19 23.82 26.09 25.42
CA GLN H 19 23.78 26.26 23.98
C GLN H 19 23.03 25.11 23.31
N SER H 20 21.96 25.43 22.60
CA SER H 20 21.17 24.42 21.92
C SER H 20 21.94 23.86 20.73
N ARG H 21 21.70 22.58 20.44
CA ARG H 21 22.36 21.94 19.31
C ARG H 21 21.84 22.48 17.98
N SER H 22 20.61 23.00 17.98
CA SER H 22 20.05 23.56 16.76
C SER H 22 20.82 24.80 16.31
N ALA H 23 21.27 25.62 17.25
CA ALA H 23 22.04 26.81 16.90
C ALA H 23 23.43 26.43 16.40
N LYS H 24 24.01 25.38 16.97
CA LYS H 24 25.32 24.92 16.53
C LYS H 24 25.25 24.31 15.13
N ALA H 25 24.19 23.55 14.85
CA ALA H 25 24.02 22.95 13.53
C ALA H 25 23.57 23.95 12.48
N GLY H 26 23.13 25.15 12.89
CA GLY H 26 22.68 26.15 11.94
C GLY H 26 21.30 25.93 11.39
N LEU H 27 20.49 25.09 12.02
CA LEU H 27 19.14 24.80 11.56
C LEU H 27 18.12 25.61 12.36
N THR H 28 16.84 25.33 12.10
CA THR H 28 15.74 25.99 12.81
C THR H 28 14.85 25.00 13.55
N PHE H 29 14.59 23.83 12.97
CA PHE H 29 13.78 22.83 13.64
C PHE H 29 14.54 22.27 14.84
N PRO H 30 13.83 21.82 15.87
CA PRO H 30 14.51 21.34 17.08
C PRO H 30 15.21 20.00 16.84
N VAL H 31 16.25 19.77 17.63
CA VAL H 31 17.03 18.54 17.56
C VAL H 31 16.81 17.66 18.79
N GLY H 32 16.65 18.28 19.97
CA GLY H 32 16.44 17.50 21.18
C GLY H 32 15.12 16.73 21.15
N ARG H 33 14.07 17.36 20.62
CA ARG H 33 12.78 16.67 20.51
C ARG H 33 12.86 15.48 19.57
N VAL H 34 13.52 15.66 18.42
CA VAL H 34 13.68 14.56 17.48
C VAL H 34 14.53 13.44 18.08
N HIS H 35 15.55 13.81 18.85
CA HIS H 35 16.38 12.81 19.51
C HIS H 35 15.57 12.02 20.54
N ARG H 36 14.76 12.72 21.33
CA ARG H 36 13.93 12.03 22.33
C ARG H 36 12.90 11.13 21.65
N LEU H 37 12.36 11.56 20.51
CA LEU H 37 11.41 10.73 19.78
C LEU H 37 12.08 9.47 19.23
N LEU H 38 13.26 9.64 18.62
CA LEU H 38 14.00 8.50 18.11
C LEU H 38 14.39 7.55 19.22
N ARG H 39 14.65 8.08 20.42
CA ARG H 39 14.97 7.23 21.56
C ARG H 39 13.75 6.44 22.01
N ARG H 40 12.70 7.15 22.44
CA ARG H 40 11.47 6.51 22.90
C ARG H 40 10.45 6.39 21.78
N GLY H 41 10.88 5.85 20.63
CA GLY H 41 9.97 5.56 19.55
C GLY H 41 9.92 4.09 19.19
N ASN H 42 10.66 3.27 19.94
CA ASN H 42 10.71 1.82 19.73
C ASN H 42 11.20 1.49 18.32
N TYR H 43 12.31 2.11 17.92
CA TYR H 43 12.91 1.88 16.61
C TYR H 43 14.18 1.04 16.68
N ALA H 44 15.04 1.29 17.67
CA ALA H 44 16.27 0.53 17.82
C ALA H 44 16.74 0.62 19.26
N GLN H 45 17.71 -0.22 19.60
CA GLN H 45 18.25 -0.22 20.95
C GLN H 45 19.17 0.97 21.19
N ARG H 46 19.94 1.37 20.18
CA ARG H 46 20.86 2.48 20.29
C ARG H 46 20.64 3.45 19.13
N ILE H 47 20.78 4.74 19.43
CA ILE H 47 20.58 5.81 18.46
C ILE H 47 21.88 6.59 18.34
N GLY H 48 22.31 6.82 17.10
CA GLY H 48 23.55 7.55 16.88
C GLY H 48 23.40 9.03 17.18
N SER H 49 24.53 9.74 17.05
CA SER H 49 24.53 11.17 17.33
C SER H 49 24.27 12.00 16.08
N GLY H 50 24.72 11.52 14.92
CA GLY H 50 24.53 12.25 13.67
C GLY H 50 23.21 12.00 12.98
N ALA H 51 22.38 11.11 13.51
CA ALA H 51 21.08 10.81 12.93
C ALA H 51 20.03 11.87 13.24
N PRO H 52 19.91 12.35 14.49
CA PRO H 52 18.89 13.39 14.75
C PRO H 52 19.11 14.67 13.97
N VAL H 53 20.36 15.15 13.87
CA VAL H 53 20.62 16.37 13.12
C VAL H 53 20.35 16.16 11.63
N TYR H 54 20.68 14.97 11.11
CA TYR H 54 20.41 14.67 9.71
C TYR H 54 18.90 14.69 9.44
N LEU H 55 18.12 14.01 10.28
CA LEU H 55 16.68 13.98 10.10
C LEU H 55 16.07 15.37 10.24
N THR H 56 16.59 16.16 11.20
CA THR H 56 16.10 17.52 11.38
C THR H 56 16.37 18.37 10.15
N ALA H 57 17.57 18.26 9.58
CA ALA H 57 17.90 19.02 8.38
C ALA H 57 17.02 18.61 7.21
N VAL H 58 16.78 17.31 7.06
CA VAL H 58 15.92 16.84 5.96
C VAL H 58 14.51 17.37 6.11
N LEU H 59 13.97 17.28 7.33
CA LEU H 59 12.61 17.78 7.58
C LEU H 59 12.52 19.28 7.35
N GLU H 60 13.54 20.03 7.79
CA GLU H 60 13.53 21.47 7.59
C GLU H 60 13.59 21.83 6.11
N TYR H 61 14.41 21.10 5.34
CA TYR H 61 14.49 21.36 3.90
C TYR H 61 13.16 21.09 3.22
N LEU H 62 12.53 19.95 3.55
CA LEU H 62 11.25 19.62 2.94
C LEU H 62 10.18 20.64 3.29
N ALA H 63 10.12 21.04 4.58
CA ALA H 63 9.13 22.02 5.01
C ALA H 63 9.36 23.36 4.33
N ALA H 64 10.62 23.80 4.23
CA ALA H 64 10.91 25.07 3.57
C ALA H 64 10.52 25.03 2.11
N GLU H 65 10.80 23.90 1.42
CA GLU H 65 10.44 23.79 0.01
C GLU H 65 8.94 23.86 -0.18
N ILE H 66 8.18 23.04 0.56
CA ILE H 66 6.73 23.02 0.37
C ILE H 66 6.11 24.35 0.78
N LEU H 67 6.70 25.01 1.78
CA LEU H 67 6.16 26.28 2.24
C LEU H 67 6.44 27.40 1.26
N GLU H 68 7.63 27.40 0.63
CA GLU H 68 7.91 28.36 -0.42
C GLU H 68 7.00 28.15 -1.61
N LEU H 69 6.73 26.89 -1.97
CA LEU H 69 5.81 26.60 -3.07
C LEU H 69 4.41 27.11 -2.75
N ALA H 70 3.93 26.86 -1.52
CA ALA H 70 2.61 27.34 -1.13
C ALA H 70 2.55 28.85 -1.10
N GLY H 71 3.62 29.50 -0.64
CA GLY H 71 3.65 30.96 -0.63
C GLY H 71 3.62 31.55 -2.03
N ASN H 72 4.36 30.94 -2.96
CA ASN H 72 4.31 31.40 -4.35
C ASN H 72 2.92 31.20 -4.94
N ALA H 73 2.30 30.05 -4.67
CA ALA H 73 0.95 29.80 -5.18
C ALA H 73 -0.05 30.80 -4.61
N ALA H 74 0.12 31.18 -3.34
CA ALA H 74 -0.80 32.15 -2.73
C ALA H 74 -0.56 33.55 -3.28
N ARG H 75 0.71 33.91 -3.50
CA ARG H 75 1.01 35.23 -4.06
C ARG H 75 0.58 35.34 -5.51
N ASP H 76 0.48 34.20 -6.21
CA ASP H 76 -0.01 34.22 -7.59
C ASP H 76 -1.43 34.75 -7.66
N ASN H 77 -2.24 34.48 -6.65
CA ASN H 77 -3.62 34.94 -6.59
C ASN H 77 -3.78 36.23 -5.79
N LYS H 78 -2.73 37.04 -5.71
CA LYS H 78 -2.69 38.32 -4.98
C LYS H 78 -3.43 38.23 -3.64
N LYS H 79 -3.17 37.14 -2.92
CA LYS H 79 -3.76 36.91 -1.61
C LYS H 79 -2.64 36.80 -0.57
N THR H 80 -2.91 37.31 0.63
CA THR H 80 -1.93 37.30 1.70
C THR H 80 -1.97 36.02 2.53
N ARG H 81 -3.15 35.58 2.96
CA ARG H 81 -3.29 34.38 3.77
C ARG H 81 -3.13 33.14 2.90
N ILE H 82 -2.72 32.04 3.55
CA ILE H 82 -2.51 30.76 2.88
C ILE H 82 -3.68 29.84 3.25
N ILE H 83 -4.36 29.32 2.24
CA ILE H 83 -5.50 28.43 2.44
C ILE H 83 -5.12 27.05 1.89
N PRO H 84 -5.81 26.00 2.35
CA PRO H 84 -5.52 24.66 1.81
C PRO H 84 -5.66 24.55 0.30
N ARG H 85 -6.43 25.43 -0.34
CA ARG H 85 -6.51 25.41 -1.79
C ARG H 85 -5.16 25.73 -2.41
N HIS H 86 -4.44 26.70 -1.85
CA HIS H 86 -3.10 27.03 -2.33
C HIS H 86 -2.14 25.87 -2.12
N LEU H 87 -2.28 25.17 -0.97
CA LEU H 87 -1.43 24.01 -0.72
C LEU H 87 -1.69 22.91 -1.75
N GLN H 88 -2.97 22.66 -2.07
CA GLN H 88 -3.29 21.65 -3.07
C GLN H 88 -2.77 22.06 -4.44
N LEU H 89 -2.90 23.35 -4.79
CA LEU H 89 -2.40 23.81 -6.08
C LEU H 89 -0.89 23.70 -6.18
N ALA H 90 -0.19 23.91 -5.05
CA ALA H 90 1.27 23.80 -5.07
C ALA H 90 1.72 22.35 -5.08
N ILE H 91 0.96 21.46 -4.44
CA ILE H 91 1.35 20.06 -4.38
C ILE H 91 1.09 19.38 -5.73
N ARG H 92 -0.11 19.57 -6.28
CA ARG H 92 -0.49 18.89 -7.51
C ARG H 92 0.24 19.41 -8.74
N ASN H 93 0.95 20.53 -8.64
CA ASN H 93 1.66 21.11 -9.77
C ASN H 93 3.13 20.71 -9.81
N ASP H 94 3.58 19.85 -8.90
CA ASP H 94 4.96 19.39 -8.88
C ASP H 94 4.96 17.88 -8.98
N ASP H 95 5.70 17.34 -9.96
CA ASP H 95 5.73 15.90 -10.17
C ASP H 95 6.41 15.18 -9.00
N GLU H 96 7.44 15.80 -8.42
CA GLU H 96 8.14 15.18 -7.30
C GLU H 96 7.24 15.08 -6.08
N LEU H 97 6.54 16.18 -5.75
CA LEU H 97 5.64 16.15 -4.60
C LEU H 97 4.42 15.29 -4.87
N ASN H 98 3.99 15.21 -6.14
CA ASN H 98 2.87 14.35 -6.48
C ASN H 98 3.25 12.88 -6.35
N LYS H 99 4.49 12.53 -6.69
CA LYS H 99 4.95 11.17 -6.51
C LYS H 99 5.18 10.84 -5.04
N LEU H 100 5.69 11.80 -4.27
CA LEU H 100 5.87 11.59 -2.84
C LEU H 100 4.54 11.52 -2.12
N LEU H 101 3.63 12.43 -2.42
CA LEU H 101 2.28 12.46 -1.85
C LEU H 101 1.29 12.12 -2.95
N GLY H 102 1.06 10.82 -3.15
CA GLY H 102 0.17 10.36 -4.19
C GLY H 102 -1.11 9.74 -3.66
N ASN H 103 -1.06 9.23 -2.42
CA ASN H 103 -2.20 8.59 -1.80
C ASN H 103 -2.86 9.43 -0.72
N VAL H 104 -2.26 10.54 -0.31
CA VAL H 104 -2.83 11.38 0.74
C VAL H 104 -3.85 12.33 0.12
N THR H 105 -4.79 12.77 0.94
CA THR H 105 -5.83 13.71 0.52
C THR H 105 -5.78 14.95 1.41
N ILE H 106 -6.01 16.11 0.81
CA ILE H 106 -5.99 17.38 1.53
C ILE H 106 -7.42 17.80 1.81
N ALA H 107 -7.70 18.17 3.06
CA ALA H 107 -9.03 18.59 3.45
C ALA H 107 -9.36 19.95 2.85
N GLN H 108 -10.49 20.04 2.15
CA GLN H 108 -10.94 21.29 1.52
C GLN H 108 -9.89 21.82 0.54
N GLY H 109 -9.29 20.91 -0.23
CA GLY H 109 -8.28 21.31 -1.19
C GLY H 109 -8.80 21.38 -2.61
N GLY H 110 -9.95 20.75 -2.85
CA GLY H 110 -10.52 20.76 -4.18
C GLY H 110 -9.77 19.85 -5.14
N VAL H 111 -10.06 20.04 -6.43
CA VAL H 111 -9.44 19.26 -7.49
C VAL H 111 -8.82 20.23 -8.51
N LEU H 112 -7.94 19.68 -9.34
CA LEU H 112 -7.30 20.48 -10.37
C LEU H 112 -8.28 20.69 -11.54
N PRO H 113 -8.24 21.86 -12.18
CA PRO H 113 -9.12 22.08 -13.33
C PRO H 113 -8.68 21.24 -14.53
N ASN H 114 -9.62 21.02 -15.46
CA ASN H 114 -9.32 20.21 -16.63
C ASN H 114 -8.32 20.92 -17.55
N ILE H 115 -8.47 22.23 -17.73
CA ILE H 115 -7.57 22.99 -18.58
C ILE H 115 -7.48 24.44 -18.09
N THR K 135 -8.87 -23.19 -39.21
CA THR K 135 -9.66 -22.37 -38.29
C THR K 135 -8.74 -21.60 -37.33
N PRO K 136 -8.70 -20.27 -37.50
CA PRO K 136 -7.84 -19.47 -36.61
C PRO K 136 -8.37 -19.37 -35.19
N SER K 137 -9.69 -19.33 -35.02
CA SER K 137 -10.25 -19.23 -33.67
C SER K 137 -9.99 -20.49 -32.86
N GLU K 138 -10.08 -21.67 -33.50
CA GLU K 138 -9.80 -22.91 -32.80
C GLU K 138 -8.34 -22.97 -32.36
N LEU K 139 -7.42 -22.56 -33.24
CA LEU K 139 -6.00 -22.54 -32.87
C LEU K 139 -5.74 -21.55 -31.75
N ALA K 140 -6.39 -20.39 -31.80
CA ALA K 140 -6.22 -19.39 -30.74
C ALA K 140 -6.71 -19.91 -29.40
N LEU K 141 -7.89 -20.55 -29.39
CA LEU K 141 -8.41 -21.10 -28.14
C LEU K 141 -7.53 -22.23 -27.62
N TYR K 142 -7.03 -23.08 -28.51
CA TYR K 142 -6.15 -24.17 -28.10
C TYR K 142 -4.86 -23.63 -27.50
N GLU K 143 -4.27 -22.61 -28.13
CA GLU K 143 -3.06 -22.01 -27.60
C GLU K 143 -3.32 -21.33 -26.26
N ILE K 144 -4.46 -20.67 -26.12
CA ILE K 144 -4.80 -20.03 -24.85
C ILE K 144 -4.90 -21.07 -23.75
N ARG K 145 -5.60 -22.18 -24.02
CA ARG K 145 -5.73 -23.24 -23.03
C ARG K 145 -4.37 -23.85 -22.68
N LYS K 146 -3.53 -24.07 -23.70
CA LYS K 146 -2.23 -24.70 -23.46
C LYS K 146 -1.33 -23.79 -22.63
N TYR K 147 -1.35 -22.48 -22.91
CA TYR K 147 -0.50 -21.56 -22.16
C TYR K 147 -1.08 -21.18 -20.81
N GLN K 148 -2.38 -21.41 -20.60
CA GLN K 148 -2.94 -21.21 -19.27
C GLN K 148 -2.75 -22.44 -18.39
N ARG K 149 -2.66 -23.63 -18.99
CA ARG K 149 -2.40 -24.83 -18.19
C ARG K 149 -0.95 -24.88 -17.74
N SER K 150 -0.02 -24.45 -18.59
CA SER K 150 1.39 -24.47 -18.24
C SER K 150 1.72 -23.37 -17.23
N THR K 151 2.81 -23.59 -16.49
CA THR K 151 3.22 -22.66 -15.45
C THR K 151 4.74 -22.46 -15.42
N ASP K 152 5.40 -22.73 -16.54
CA ASP K 152 6.85 -22.58 -16.63
C ASP K 152 7.23 -21.16 -17.05
N LEU K 153 8.53 -20.93 -17.16
CA LEU K 153 9.02 -19.64 -17.63
C LEU K 153 8.71 -19.47 -19.11
N LEU K 154 8.62 -18.21 -19.54
CA LEU K 154 8.23 -17.89 -20.90
C LEU K 154 9.22 -16.98 -21.62
N ILE K 155 10.20 -16.42 -20.89
CA ILE K 155 11.22 -15.56 -21.46
C ILE K 155 12.57 -16.25 -21.34
N SER K 156 13.40 -16.11 -22.37
CA SER K 156 14.71 -16.72 -22.37
C SER K 156 15.57 -16.14 -21.24
N LYS K 157 16.54 -16.94 -20.78
CA LYS K 157 17.31 -16.54 -19.60
C LYS K 157 18.51 -15.69 -19.98
N ILE K 158 19.21 -16.04 -21.06
CA ILE K 158 20.43 -15.31 -21.44
C ILE K 158 20.11 -13.89 -21.93
N PRO K 159 19.13 -13.67 -22.83
CA PRO K 159 18.81 -12.28 -23.18
C PRO K 159 18.32 -11.45 -22.00
N PHE K 160 17.52 -12.05 -21.11
CA PHE K 160 17.05 -11.31 -19.94
C PHE K 160 18.21 -10.95 -19.02
N ALA K 161 19.17 -11.86 -18.84
CA ALA K 161 20.34 -11.57 -18.02
C ALA K 161 21.18 -10.47 -18.64
N ARG K 162 21.38 -10.53 -19.96
CA ARG K 162 22.13 -9.47 -20.63
C ARG K 162 21.43 -8.12 -20.50
N LEU K 163 20.10 -8.12 -20.62
CA LEU K 163 19.34 -6.88 -20.49
C LEU K 163 19.45 -6.30 -19.09
N VAL K 164 19.29 -7.14 -18.06
CA VAL K 164 19.35 -6.64 -16.69
C VAL K 164 20.77 -6.19 -16.35
N LYS K 165 21.78 -6.83 -16.94
CA LYS K 165 23.15 -6.39 -16.74
C LYS K 165 23.41 -5.03 -17.38
N GLU K 166 22.93 -4.85 -18.62
CA GLU K 166 23.07 -3.55 -19.27
C GLU K 166 22.28 -2.49 -18.52
N VAL K 167 21.20 -2.87 -17.86
CA VAL K 167 20.41 -1.91 -17.08
C VAL K 167 21.18 -1.49 -15.83
N THR K 168 21.71 -2.46 -15.09
CA THR K 168 22.42 -2.12 -13.85
C THR K 168 23.79 -1.51 -14.13
N ASP K 169 24.27 -1.60 -15.37
CA ASP K 169 25.56 -1.02 -15.71
C ASP K 169 25.54 0.51 -15.54
N GLU K 170 24.53 1.17 -16.13
CA GLU K 170 24.50 2.63 -16.09
C GLU K 170 23.85 3.18 -14.83
N PHE K 171 23.52 2.32 -13.86
CA PHE K 171 23.01 2.82 -12.59
C PHE K 171 24.17 3.22 -11.67
N THR K 172 25.18 2.36 -11.56
CA THR K 172 26.34 2.65 -10.72
C THR K 172 27.35 3.51 -11.47
N THR K 173 28.51 3.69 -10.84
CA THR K 173 29.60 4.42 -11.47
C THR K 173 30.33 3.52 -12.47
N LYS K 174 31.47 4.02 -12.97
CA LYS K 174 32.13 3.36 -14.08
C LYS K 174 33.28 2.47 -13.62
N ASP K 175 34.05 2.92 -12.64
CA ASP K 175 35.26 2.20 -12.26
C ASP K 175 34.95 0.86 -11.61
N GLN K 176 33.80 0.76 -10.94
CA GLN K 176 33.38 -0.48 -10.29
C GLN K 176 31.99 -0.88 -10.77
N ASP K 177 31.73 -2.18 -10.75
CA ASP K 177 30.45 -2.74 -11.15
C ASP K 177 29.97 -3.72 -10.10
N LEU K 178 28.89 -4.44 -10.43
CA LEU K 178 28.31 -5.43 -9.55
C LEU K 178 28.07 -6.73 -10.31
N ARG K 179 28.04 -7.83 -9.57
CA ARG K 179 27.76 -9.14 -10.13
C ARG K 179 26.43 -9.65 -9.59
N TRP K 180 25.75 -10.47 -10.40
CA TRP K 180 24.42 -10.95 -10.08
C TRP K 180 24.43 -12.45 -9.83
N GLN K 181 23.46 -12.90 -9.05
CA GLN K 181 23.27 -14.32 -8.77
C GLN K 181 22.11 -14.87 -9.58
N SER K 182 22.05 -16.20 -9.68
CA SER K 182 21.00 -16.84 -10.47
C SER K 182 19.64 -16.72 -9.80
N MET K 183 19.61 -16.84 -8.46
CA MET K 183 18.33 -16.79 -7.74
C MET K 183 17.68 -15.43 -7.87
N ALA K 184 18.44 -14.36 -7.67
CA ALA K 184 17.88 -13.01 -7.81
C ALA K 184 17.40 -12.77 -9.24
N ILE K 185 18.18 -13.21 -10.23
CA ILE K 185 17.80 -13.00 -11.62
C ILE K 185 16.49 -13.72 -11.94
N MET K 186 16.37 -14.99 -11.52
CA MET K 186 15.16 -15.74 -11.82
C MET K 186 13.96 -15.20 -11.05
N ALA K 187 14.18 -14.71 -9.83
CA ALA K 187 13.08 -14.11 -9.08
C ALA K 187 12.59 -12.84 -9.75
N LEU K 188 13.52 -11.99 -10.18
CA LEU K 188 13.13 -10.77 -10.91
C LEU K 188 12.42 -11.12 -12.21
N GLN K 189 12.88 -12.17 -12.89
CA GLN K 189 12.23 -12.58 -14.14
C GLN K 189 10.81 -13.05 -13.89
N GLU K 190 10.59 -13.85 -12.84
CA GLU K 190 9.24 -14.31 -12.52
C GLU K 190 8.34 -13.14 -12.14
N ALA K 191 8.87 -12.19 -11.36
CA ALA K 191 8.06 -11.03 -10.98
C ALA K 191 7.68 -10.20 -12.20
N SER K 192 8.64 -9.96 -13.10
CA SER K 192 8.34 -9.21 -14.32
C SER K 192 7.34 -9.94 -15.20
N GLU K 193 7.46 -11.27 -15.27
CA GLU K 193 6.51 -12.05 -16.07
C GLU K 193 5.10 -11.93 -15.50
N ALA K 194 4.96 -12.03 -14.17
CA ALA K 194 3.65 -11.90 -13.55
C ALA K 194 3.07 -10.50 -13.80
N TYR K 195 3.91 -9.46 -13.66
CA TYR K 195 3.44 -8.10 -13.87
C TYR K 195 2.98 -7.90 -15.32
N LEU K 196 3.75 -8.41 -16.29
CA LEU K 196 3.37 -8.25 -17.69
C LEU K 196 2.11 -9.05 -18.01
N VAL K 197 1.94 -10.22 -17.40
CA VAL K 197 0.72 -11.00 -17.61
C VAL K 197 -0.49 -10.24 -17.08
N GLY K 198 -0.36 -9.65 -15.89
CA GLY K 198 -1.46 -8.86 -15.35
C GLY K 198 -1.79 -7.66 -16.22
N LEU K 199 -0.75 -6.96 -16.70
CA LEU K 199 -0.97 -5.81 -17.56
C LEU K 199 -1.64 -6.21 -18.87
N LEU K 200 -1.22 -7.35 -19.44
CA LEU K 200 -1.83 -7.80 -20.69
C LEU K 200 -3.27 -8.23 -20.48
N GLU K 201 -3.58 -8.84 -19.34
CA GLU K 201 -4.96 -9.20 -19.04
C GLU K 201 -5.83 -7.95 -18.90
N HIS K 202 -5.31 -6.92 -18.22
CA HIS K 202 -6.06 -5.68 -18.09
C HIS K 202 -6.26 -5.01 -19.44
N THR K 203 -5.24 -5.04 -20.30
CA THR K 203 -5.37 -4.48 -21.64
C THR K 203 -6.40 -5.25 -22.45
N ASN K 204 -6.44 -6.58 -22.30
CA ASN K 204 -7.44 -7.38 -23.01
C ASN K 204 -8.84 -7.07 -22.53
N LEU K 205 -9.02 -6.87 -21.23
CA LEU K 205 -10.32 -6.47 -20.71
C LEU K 205 -10.74 -5.12 -21.27
N LEU K 206 -9.80 -4.16 -21.31
CA LEU K 206 -10.12 -2.84 -21.83
C LEU K 206 -10.46 -2.90 -23.32
N ALA K 207 -9.79 -3.77 -24.07
CA ALA K 207 -10.13 -3.93 -25.49
C ALA K 207 -11.48 -4.58 -25.67
N LEU K 208 -11.81 -5.56 -24.82
CA LEU K 208 -13.13 -6.18 -24.88
C LEU K 208 -14.23 -5.19 -24.52
N HIS K 209 -13.92 -4.20 -23.67
CA HIS K 209 -14.91 -3.19 -23.32
C HIS K 209 -15.34 -2.37 -24.53
N ALA K 210 -14.42 -2.13 -25.47
CA ALA K 210 -14.70 -1.32 -26.65
C ALA K 210 -15.34 -2.13 -27.77
N LYS K 211 -15.88 -3.32 -27.47
CA LYS K 211 -16.55 -4.16 -28.45
C LYS K 211 -15.63 -4.51 -29.62
N ARG K 212 -14.45 -5.04 -29.30
CA ARG K 212 -13.50 -5.47 -30.31
C ARG K 212 -12.58 -6.52 -29.71
N ILE K 213 -11.94 -7.28 -30.58
CA ILE K 213 -11.05 -8.37 -30.17
C ILE K 213 -9.59 -7.92 -30.19
N THR K 214 -9.18 -7.23 -31.24
CA THR K 214 -7.80 -6.79 -31.36
C THR K 214 -7.48 -5.70 -30.33
N ILE K 215 -6.36 -5.86 -29.63
CA ILE K 215 -5.91 -4.90 -28.63
C ILE K 215 -5.01 -3.88 -29.31
N MET K 216 -4.89 -2.71 -28.69
CA MET K 216 -4.07 -1.63 -29.21
C MET K 216 -3.28 -0.99 -28.09
N LYS K 217 -2.38 -0.07 -28.46
CA LYS K 217 -1.54 0.59 -27.46
C LYS K 217 -2.36 1.57 -26.61
N LYS K 218 -3.45 2.10 -27.18
CA LYS K 218 -4.29 3.02 -26.42
C LYS K 218 -4.92 2.32 -25.22
N ASP K 219 -5.31 1.05 -25.38
CA ASP K 219 -5.88 0.30 -24.27
C ASP K 219 -4.87 0.10 -23.16
N MET K 220 -3.62 -0.23 -23.51
CA MET K 220 -2.59 -0.40 -22.49
C MET K 220 -2.27 0.91 -21.80
N GLN K 221 -2.23 2.02 -22.56
CA GLN K 221 -1.98 3.32 -21.96
C GLN K 221 -3.10 3.69 -20.98
N LEU K 222 -4.35 3.46 -21.38
CA LEU K 222 -5.48 3.75 -20.49
C LEU K 222 -5.46 2.87 -19.25
N ALA K 223 -5.09 1.59 -19.40
CA ALA K 223 -4.99 0.71 -18.24
C ALA K 223 -3.91 1.19 -17.28
N ARG K 224 -2.76 1.61 -17.82
CA ARG K 224 -1.69 2.13 -16.96
C ARG K 224 -2.11 3.41 -16.28
N ARG K 225 -2.88 4.26 -16.98
CA ARG K 225 -3.34 5.51 -16.38
C ARG K 225 -4.34 5.26 -15.26
N ILE K 226 -5.27 4.32 -15.47
CA ILE K 226 -6.29 4.05 -14.46
C ILE K 226 -5.69 3.29 -13.27
N ARG K 227 -4.64 2.50 -13.52
CA ARG K 227 -4.00 1.74 -12.44
C ARG K 227 -3.49 2.67 -11.35
N GLY K 228 -2.90 3.80 -11.74
CA GLY K 228 -2.42 4.79 -10.78
C GLY K 228 -1.07 4.51 -10.18
N GLN K 229 -0.38 3.45 -10.60
CA GLN K 229 0.93 3.12 -10.05
C GLN K 229 1.97 4.05 -10.65
N PHE K 230 3.22 3.92 -10.20
CA PHE K 230 4.37 4.70 -10.65
C PHE K 230 4.18 6.20 -10.44
N ILE K 231 3.36 6.60 -9.48
CA ILE K 231 3.13 8.02 -9.21
C ILE K 231 2.72 8.22 -7.75
N LEU L 284 14.51 35.66 1.85
CA LEU L 284 15.96 35.78 1.75
C LEU L 284 16.58 34.49 1.23
N ARG L 285 15.80 33.41 1.24
CA ARG L 285 16.24 32.12 0.76
C ARG L 285 15.31 31.63 -0.34
N LYS L 286 15.90 31.07 -1.40
CA LYS L 286 15.15 30.57 -2.54
C LYS L 286 15.65 29.19 -2.91
N SER L 287 14.78 28.39 -3.52
CA SER L 287 15.15 27.05 -3.94
C SER L 287 16.02 27.10 -5.20
N THR L 288 16.80 26.04 -5.39
CA THR L 288 17.69 25.94 -6.53
C THR L 288 17.51 24.67 -7.35
N ARG L 289 16.57 23.81 -6.98
CA ARG L 289 16.35 22.59 -7.73
C ARG L 289 15.47 22.86 -8.95
N VAL L 290 15.55 21.96 -9.92
CA VAL L 290 14.78 22.09 -11.15
C VAL L 290 13.34 21.67 -10.88
N LYS L 291 12.39 22.43 -11.43
CA LYS L 291 10.96 22.17 -11.27
C LYS L 291 10.29 22.19 -12.63
N VAL L 292 9.64 21.09 -12.98
CA VAL L 292 8.95 20.95 -14.26
C VAL L 292 7.51 20.55 -14.01
N ALA L 293 6.71 20.61 -15.08
CA ALA L 293 5.30 20.23 -14.98
C ALA L 293 5.19 18.73 -14.74
N PRO L 294 4.10 18.27 -14.11
CA PRO L 294 3.92 16.83 -13.91
C PRO L 294 3.79 16.09 -15.23
N LEU L 295 4.54 14.99 -15.35
CA LEU L 295 4.60 14.21 -16.56
C LEU L 295 3.59 13.06 -16.51
N GLN L 296 3.10 12.68 -17.69
CA GLN L 296 2.16 11.56 -17.82
C GLN L 296 2.98 10.30 -18.09
N TYR L 297 3.08 9.45 -17.07
CA TYR L 297 3.92 8.26 -17.18
C TYR L 297 3.33 7.23 -18.15
N TRP L 298 2.02 7.25 -18.36
CA TRP L 298 1.39 6.28 -19.24
C TRP L 298 1.75 6.49 -20.70
N ARG L 299 2.22 7.69 -21.07
CA ARG L 299 2.65 7.97 -22.43
C ARG L 299 4.15 7.84 -22.62
N ASN L 300 4.90 7.57 -21.54
CA ASN L 300 6.35 7.39 -21.60
C ASN L 300 7.05 8.60 -22.18
N GLU L 301 6.93 9.72 -21.49
CA GLU L 301 7.59 10.94 -21.91
C GLU L 301 9.06 10.94 -21.47
N LYS L 302 9.85 11.82 -22.08
CA LYS L 302 11.26 11.97 -21.77
C LYS L 302 11.52 13.38 -21.23
N ILE L 303 12.42 13.47 -20.24
CA ILE L 303 12.74 14.77 -19.66
C ILE L 303 13.56 15.59 -20.64
N VAL L 304 14.62 15.00 -21.20
CA VAL L 304 15.51 15.66 -22.16
C VAL L 304 16.07 16.96 -21.58
#